data_1VMK
#
_entry.id   1VMK
#
_cell.length_a   46.478
_cell.length_b   74.601
_cell.length_c   74.591
_cell.angle_alpha   117.34
_cell.angle_beta   100.95
_cell.angle_gamma   100.71
#
_symmetry.space_group_name_H-M   'P 1'
#
loop_
_entity.id
_entity.type
_entity.pdbx_description
1 polymer 'purine nucleoside phosphorylase'
2 non-polymer GUANINE
3 non-polymer 'MAGNESIUM ION'
4 water water
#
_entity_poly.entity_id   1
_entity_poly.type   'polypeptide(L)'
_entity_poly.pdbx_seq_one_letter_code
;MGSDKIHHHHHHMMKKIEEARTFISERTNLSPDILIILGSGFGPFIEKVEDPVIIDYKDIPHFPQPTVEGHSGKLVFGRI
SDKPVMIMAGRFHLYEGHDPATVAFPVYLAKYVGVKGVVVTNAAGAINPEFKPGEIILVRDIINFMFRNPLRGPNDEKIG
PRFPDMSSVVDPEWARKIQERLSLKEGVYIGVLGPSYETPAEIRVFEKLGADLVGMSTVPEVIAAKHCGLKVVVFSCVTN
MAAGITHGRLSHEEVVRTTKMAQGKIEKALTTAVEVF
;
_entity_poly.pdbx_strand_id   A,B,C
#
loop_
_chem_comp.id
_chem_comp.type
_chem_comp.name
_chem_comp.formula
GUN non-polymer GUANINE 'C5 H5 N5 O'
MG non-polymer 'MAGNESIUM ION' 'Mg 2'
#
# COMPACT_ATOMS: atom_id res chain seq x y z
N MET A 13 -16.34 -18.94 -7.21
CA MET A 13 -15.15 -19.29 -6.34
C MET A 13 -15.29 -20.68 -5.78
N MET A 14 -16.39 -20.92 -5.08
CA MET A 14 -16.66 -22.23 -4.57
C MET A 14 -16.79 -23.22 -5.74
N LYS A 15 -17.30 -22.75 -6.88
CA LYS A 15 -17.42 -23.63 -8.07
C LYS A 15 -16.03 -23.97 -8.67
N LYS A 16 -15.18 -22.97 -8.72
CA LYS A 16 -13.80 -23.18 -9.17
C LYS A 16 -13.06 -24.15 -8.26
N ILE A 17 -13.24 -24.02 -6.96
CA ILE A 17 -12.64 -24.95 -5.99
C ILE A 17 -13.10 -26.41 -6.24
N GLU A 18 -14.41 -26.58 -6.38
CA GLU A 18 -14.99 -27.89 -6.60
C GLU A 18 -14.44 -28.51 -7.88
N GLU A 19 -14.36 -27.69 -8.92
CA GLU A 19 -13.83 -28.13 -10.22
C GLU A 19 -12.40 -28.62 -10.16
N ALA A 20 -11.56 -27.86 -9.49
CA ALA A 20 -10.18 -28.24 -9.28
C ALA A 20 -10.12 -29.52 -8.39
N ARG A 21 -10.98 -29.56 -7.36
CA ARG A 21 -10.96 -30.70 -6.42
C ARG A 21 -11.26 -31.98 -7.16
N THR A 22 -12.20 -31.93 -8.11
CA THR A 22 -12.65 -33.14 -8.79
C THR A 22 -11.51 -33.66 -9.64
N PHE A 23 -10.80 -32.73 -10.23
CA PHE A 23 -9.66 -33.04 -11.09
C PHE A 23 -8.61 -33.78 -10.27
N ILE A 24 -8.27 -33.21 -9.13
CA ILE A 24 -7.28 -33.84 -8.26
C ILE A 24 -7.74 -35.22 -7.85
N SER A 25 -8.99 -35.33 -7.40
CA SER A 25 -9.56 -36.57 -6.89
C SER A 25 -9.46 -37.72 -7.88
N GLU A 26 -9.46 -37.38 -9.15
CA GLU A 26 -9.38 -38.39 -10.16
C GLU A 26 -7.95 -38.87 -10.35
N ARG A 27 -6.99 -38.20 -9.68
CA ARG A 27 -5.59 -38.56 -9.80
C ARG A 27 -4.95 -39.08 -8.50
N THR A 28 -5.56 -38.77 -7.37
CA THR A 28 -5.05 -39.23 -6.08
C THR A 28 -6.21 -39.30 -5.11
N ASN A 29 -6.28 -40.41 -4.38
CA ASN A 29 -7.25 -40.55 -3.29
C ASN A 29 -6.65 -40.21 -1.94
N LEU A 30 -5.44 -39.66 -1.95
CA LEU A 30 -4.80 -39.24 -0.70
C LEU A 30 -5.68 -38.22 0.01
N SER A 31 -5.76 -38.32 1.32
CA SER A 31 -6.45 -37.33 2.11
C SER A 31 -5.35 -36.62 2.91
N PRO A 32 -4.68 -35.65 2.27
CA PRO A 32 -3.55 -35.00 2.91
C PRO A 32 -3.98 -34.11 4.06
N ASP A 33 -3.16 -34.09 5.11
CA ASP A 33 -3.44 -33.36 6.34
C ASP A 33 -2.74 -32.04 6.35
N ILE A 34 -1.69 -31.94 5.53
CA ILE A 34 -0.82 -30.75 5.51
C ILE A 34 -0.50 -30.32 4.06
N LEU A 35 -0.64 -29.03 3.81
CA LEU A 35 -0.20 -28.34 2.57
C LEU A 35 1.16 -27.76 2.83
N ILE A 36 2.10 -28.02 1.94
CA ILE A 36 3.46 -27.46 2.11
C ILE A 36 3.75 -26.60 0.88
N ILE A 37 4.07 -25.34 1.11
CA ILE A 37 4.26 -24.35 0.06
C ILE A 37 5.76 -24.03 -0.06
N LEU A 38 6.32 -24.53 -1.14
CA LEU A 38 7.74 -24.39 -1.48
C LEU A 38 7.93 -23.54 -2.76
N GLY A 39 9.02 -22.79 -2.80
CA GLY A 39 9.49 -22.12 -3.99
C GLY A 39 10.01 -23.07 -5.04
N GLY A 43 14.38 -30.16 -4.42
CA GLY A 43 14.91 -31.51 -4.63
C GLY A 43 14.98 -32.37 -3.38
N PRO A 44 15.95 -32.09 -2.48
CA PRO A 44 16.24 -32.84 -1.24
C PRO A 44 15.03 -33.45 -0.50
N PHE A 45 13.98 -32.63 -0.39
CA PHE A 45 12.76 -32.92 0.36
C PHE A 45 11.71 -33.56 -0.57
N ILE A 46 11.50 -32.98 -1.75
CA ILE A 46 10.54 -33.49 -2.72
C ILE A 46 10.97 -34.91 -3.09
N GLU A 47 12.28 -35.09 -3.29
CA GLU A 47 12.85 -36.40 -3.62
C GLU A 47 12.55 -37.47 -2.55
N LYS A 48 12.45 -37.06 -1.29
CA LYS A 48 12.04 -37.94 -0.19
C LYS A 48 10.55 -38.39 -0.14
N VAL A 49 9.65 -37.70 -0.85
CA VAL A 49 8.21 -38.05 -0.80
C VAL A 49 7.95 -39.48 -1.24
N GLU A 50 7.07 -40.17 -0.52
CA GLU A 50 6.78 -41.60 -0.75
C GLU A 50 5.54 -41.75 -1.62
N ASP A 51 5.59 -42.63 -2.61
CA ASP A 51 4.46 -42.86 -3.53
C ASP A 51 3.99 -41.51 -4.10
N PRO A 52 4.92 -40.74 -4.70
CA PRO A 52 4.58 -39.39 -5.12
C PRO A 52 3.64 -39.41 -6.32
N VAL A 53 2.58 -38.62 -6.26
CA VAL A 53 1.74 -38.36 -7.42
C VAL A 53 1.91 -36.89 -7.81
N ILE A 54 2.30 -36.64 -9.05
CA ILE A 54 2.57 -35.28 -9.50
C ILE A 54 1.50 -34.81 -10.44
N ILE A 55 1.03 -33.58 -10.20
CA ILE A 55 0.00 -32.94 -11.03
C ILE A 55 0.48 -31.55 -11.40
N ASP A 56 0.72 -31.29 -12.69
CA ASP A 56 1.19 -29.98 -13.18
C ASP A 56 0.15 -28.89 -12.97
N TYR A 57 0.58 -27.73 -12.50
CA TYR A 57 -0.31 -26.62 -12.32
C TYR A 57 -1.00 -26.26 -13.63
N LYS A 58 -0.32 -26.49 -14.76
CA LYS A 58 -0.85 -26.15 -16.07
C LYS A 58 -2.08 -27.00 -16.42
N ASP A 59 -2.28 -28.12 -15.72
CA ASP A 59 -3.41 -28.98 -16.01
C ASP A 59 -4.57 -28.80 -15.05
N ILE A 60 -4.35 -28.05 -13.98
CA ILE A 60 -5.32 -27.95 -12.90
C ILE A 60 -6.32 -26.82 -13.16
N PRO A 61 -7.64 -27.14 -13.17
CA PRO A 61 -8.62 -26.08 -13.40
C PRO A 61 -8.42 -24.86 -12.47
N HIS A 62 -8.37 -23.68 -13.08
CA HIS A 62 -8.38 -22.39 -12.39
C HIS A 62 -7.11 -22.05 -11.66
N PHE A 63 -6.06 -22.83 -11.87
CA PHE A 63 -4.78 -22.43 -11.32
C PHE A 63 -4.21 -21.29 -12.12
N PRO A 64 -3.29 -20.54 -11.49
CA PRO A 64 -2.70 -19.36 -12.09
C PRO A 64 -1.92 -19.69 -13.35
N GLY A 73 5.21 -25.09 -12.43
CA GLY A 73 4.99 -25.66 -11.10
C GLY A 73 4.15 -26.94 -11.08
N LYS A 74 4.11 -27.59 -9.95
CA LYS A 74 3.49 -28.91 -9.82
C LYS A 74 3.06 -29.17 -8.39
N LEU A 75 1.90 -29.81 -8.20
CA LEU A 75 1.54 -30.37 -6.90
C LEU A 75 2.13 -31.73 -6.78
N VAL A 76 2.72 -32.04 -5.64
CA VAL A 76 3.13 -33.40 -5.34
C VAL A 76 2.38 -33.90 -4.12
N PHE A 77 1.67 -35.00 -4.30
CA PHE A 77 1.00 -35.67 -3.23
C PHE A 77 1.77 -36.94 -2.90
N GLY A 78 1.73 -37.36 -1.63
CA GLY A 78 2.45 -38.54 -1.15
C GLY A 78 2.64 -38.43 0.35
N ARG A 79 3.63 -39.14 0.87
CA ARG A 79 3.84 -39.20 2.31
C ARG A 79 5.27 -38.84 2.70
N ILE A 80 5.34 -38.08 3.79
CA ILE A 80 6.56 -37.67 4.40
C ILE A 80 6.41 -38.21 5.82
N SER A 81 7.40 -39.02 6.22
CA SER A 81 7.35 -39.74 7.49
C SER A 81 5.98 -40.33 7.73
N ASP A 82 5.50 -41.07 6.72
CA ASP A 82 4.24 -41.83 6.78
C ASP A 82 2.96 -40.98 6.82
N LYS A 83 3.10 -39.66 6.83
CA LYS A 83 1.98 -38.78 6.97
C LYS A 83 1.67 -38.29 5.55
N PRO A 84 0.37 -38.28 5.15
CA PRO A 84 0.05 -37.79 3.81
C PRO A 84 0.06 -36.28 3.72
N VAL A 85 0.67 -35.79 2.65
CA VAL A 85 0.89 -34.36 2.43
C VAL A 85 0.60 -33.96 0.99
N MET A 86 0.34 -32.66 0.81
CA MET A 86 0.22 -32.04 -0.47
C MET A 86 1.24 -30.90 -0.55
N ILE A 87 2.14 -31.01 -1.52
CA ILE A 87 3.24 -30.09 -1.66
C ILE A 87 3.05 -29.22 -2.91
N MET A 88 3.14 -27.92 -2.74
CA MET A 88 3.29 -26.98 -3.86
C MET A 88 4.76 -26.81 -4.19
N ALA A 89 5.18 -27.55 -5.23
CA ALA A 89 6.52 -27.36 -5.82
C ALA A 89 6.43 -26.19 -6.81
N GLY A 90 6.69 -24.98 -6.31
CA GLY A 90 6.44 -23.75 -7.05
C GLY A 90 5.28 -23.03 -6.38
N ARG A 91 5.40 -21.71 -6.29
CA ARG A 91 4.36 -20.88 -5.66
C ARG A 91 4.19 -19.58 -6.44
N PHE A 92 3.25 -18.73 -6.02
CA PHE A 92 2.91 -17.51 -6.74
C PHE A 92 3.17 -16.28 -5.90
N HIS A 93 3.55 -15.20 -6.62
CA HIS A 93 3.94 -13.92 -6.05
C HIS A 93 3.21 -12.74 -6.68
N LEU A 94 2.81 -11.77 -5.86
CA LEU A 94 2.18 -10.59 -6.40
C LEU A 94 3.08 -9.83 -7.38
N TYR A 95 4.41 -9.91 -7.26
CA TYR A 95 5.29 -9.17 -8.22
C TYR A 95 5.15 -9.71 -9.67
N GLU A 96 4.65 -10.96 -9.81
CA GLU A 96 4.46 -11.61 -11.14
C GLU A 96 3.27 -11.01 -11.89
N GLY A 97 2.39 -10.35 -11.14
CA GLY A 97 1.24 -9.75 -11.74
C GLY A 97 -0.05 -10.38 -11.29
N HIS A 98 0.01 -11.45 -10.50
CA HIS A 98 -1.18 -12.15 -10.08
C HIS A 98 -2.04 -11.31 -9.21
N ASP A 99 -3.36 -11.36 -9.45
CA ASP A 99 -4.32 -10.88 -8.47
C ASP A 99 -4.10 -11.62 -7.13
N PRO A 100 -4.20 -10.91 -5.97
CA PRO A 100 -4.14 -11.54 -4.66
C PRO A 100 -5.02 -12.79 -4.47
N ALA A 101 -6.27 -12.76 -4.98
CA ALA A 101 -7.15 -13.93 -4.87
C ALA A 101 -6.60 -15.14 -5.62
N THR A 102 -5.90 -14.91 -6.71
CA THR A 102 -5.31 -16.01 -7.50
C THR A 102 -4.20 -16.65 -6.69
N VAL A 103 -3.37 -15.82 -6.06
CA VAL A 103 -2.29 -16.31 -5.22
C VAL A 103 -2.87 -17.23 -4.13
N ALA A 104 -4.03 -16.88 -3.60
CA ALA A 104 -4.65 -17.57 -2.49
C ALA A 104 -5.42 -18.82 -2.86
N PHE A 105 -5.87 -18.92 -4.10
CA PHE A 105 -6.77 -20.01 -4.54
C PHE A 105 -6.26 -21.42 -4.23
N PRO A 106 -4.96 -21.70 -4.49
CA PRO A 106 -4.43 -23.05 -4.15
C PRO A 106 -4.59 -23.45 -2.68
N VAL A 107 -4.65 -22.45 -1.81
CA VAL A 107 -4.80 -22.71 -0.38
C VAL A 107 -6.25 -23.14 -0.09
N TYR A 108 -7.21 -22.44 -0.70
CA TYR A 108 -8.61 -22.87 -0.60
C TYR A 108 -8.78 -24.25 -1.15
N LEU A 109 -8.14 -24.52 -2.28
CA LEU A 109 -8.22 -25.85 -2.88
C LEU A 109 -7.73 -26.93 -1.89
N ALA A 110 -6.58 -26.67 -1.27
CA ALA A 110 -6.04 -27.55 -0.21
C ALA A 110 -7.05 -27.82 0.91
N LYS A 111 -7.70 -26.75 1.39
CA LYS A 111 -8.67 -26.91 2.47
C LYS A 111 -9.71 -27.97 2.09
N TYR A 112 -10.24 -27.84 0.89
CA TYR A 112 -11.33 -28.68 0.42
C TYR A 112 -10.89 -30.05 -0.05
N VAL A 113 -9.60 -30.18 -0.31
CA VAL A 113 -8.99 -31.50 -0.55
C VAL A 113 -8.75 -32.18 0.79
N GLY A 114 -8.81 -31.39 1.86
CA GLY A 114 -8.89 -31.89 3.22
C GLY A 114 -7.74 -31.51 4.16
N VAL A 115 -6.83 -30.61 3.78
CA VAL A 115 -5.74 -30.32 4.70
C VAL A 115 -6.25 -29.58 5.95
N LYS A 116 -5.47 -29.70 7.03
CA LYS A 116 -5.78 -29.06 8.31
C LYS A 116 -4.71 -28.04 8.68
N GLY A 117 -3.55 -28.14 8.08
CA GLY A 117 -2.48 -27.24 8.37
C GLY A 117 -1.73 -26.94 7.12
N VAL A 118 -1.04 -25.80 7.13
CA VAL A 118 -0.17 -25.32 6.07
C VAL A 118 1.19 -24.92 6.60
N VAL A 119 2.25 -25.43 5.99
CA VAL A 119 3.61 -24.97 6.23
C VAL A 119 3.93 -24.07 5.03
N VAL A 120 4.16 -22.78 5.30
CA VAL A 120 4.59 -21.85 4.26
C VAL A 120 6.11 -21.65 4.48
N THR A 121 6.89 -21.86 3.43
CA THR A 121 8.29 -21.54 3.44
C THR A 121 8.43 -20.27 2.59
N ASN A 122 9.50 -19.52 2.84
CA ASN A 122 9.87 -18.44 1.98
C ASN A 122 11.37 -18.24 2.02
N ALA A 123 11.85 -17.47 1.05
CA ALA A 123 13.18 -16.88 1.01
C ALA A 123 13.12 -15.45 1.53
N ALA A 124 14.04 -15.09 2.42
CA ALA A 124 13.98 -13.76 3.06
C ALA A 124 15.38 -13.15 3.23
N GLY A 125 15.41 -11.82 3.25
CA GLY A 125 16.57 -11.05 3.61
C GLY A 125 16.52 -10.82 5.12
N ALA A 126 17.65 -11.08 5.78
CA ALA A 126 17.77 -10.85 7.21
C ALA A 126 18.02 -9.37 7.58
N ILE A 127 17.04 -8.81 8.28
CA ILE A 127 17.15 -7.49 8.85
C ILE A 127 17.86 -7.56 10.22
N ASN A 128 17.54 -8.59 11.01
CA ASN A 128 18.18 -8.86 12.29
C ASN A 128 19.61 -9.37 12.06
N PRO A 129 20.63 -8.62 12.56
CA PRO A 129 22.02 -8.92 12.23
C PRO A 129 22.55 -10.19 12.88
N GLU A 130 21.79 -10.74 13.84
CA GLU A 130 22.08 -12.04 14.40
C GLU A 130 21.75 -13.18 13.50
N PHE A 131 20.92 -12.98 12.49
CA PHE A 131 20.63 -14.03 11.52
C PHE A 131 21.71 -14.06 10.46
N LYS A 132 22.01 -15.28 10.02
CA LYS A 132 23.03 -15.50 9.00
C LYS A 132 22.43 -16.18 7.75
N PRO A 133 22.94 -15.83 6.57
CA PRO A 133 22.51 -16.52 5.35
C PRO A 133 22.67 -18.04 5.41
N GLY A 134 21.66 -18.78 5.00
CA GLY A 134 21.66 -20.22 5.16
C GLY A 134 20.82 -20.72 6.33
N GLU A 135 20.51 -19.83 7.30
CA GLU A 135 19.70 -20.19 8.45
C GLU A 135 18.22 -20.30 8.13
N ILE A 136 17.57 -21.19 8.90
CA ILE A 136 16.13 -21.32 8.97
C ILE A 136 15.61 -20.69 10.27
N ILE A 137 14.68 -19.79 10.06
CA ILE A 137 14.04 -19.03 11.13
C ILE A 137 12.60 -19.43 11.22
N LEU A 138 12.13 -19.68 12.44
CA LEU A 138 10.71 -19.91 12.67
C LEU A 138 10.09 -18.52 12.73
N VAL A 139 9.16 -18.23 11.87
CA VAL A 139 8.52 -16.95 11.83
C VAL A 139 7.41 -16.96 12.85
N ARG A 140 7.46 -16.02 13.77
CA ARG A 140 6.52 -15.98 14.89
C ARG A 140 5.31 -15.06 14.60
N ASP A 141 5.49 -14.08 13.75
CA ASP A 141 4.38 -13.20 13.30
C ASP A 141 4.70 -12.51 11.97
N ILE A 142 3.69 -11.92 11.33
CA ILE A 142 3.85 -11.28 10.04
C ILE A 142 3.35 -9.83 10.08
N ILE A 143 3.97 -9.04 9.23
CA ILE A 143 3.52 -7.70 8.93
C ILE A 143 3.25 -7.67 7.44
N ASN A 144 2.04 -7.28 7.09
CA ASN A 144 1.65 -7.00 5.67
C ASN A 144 1.98 -5.56 5.19
N PHE A 145 3.11 -5.41 4.48
CA PHE A 145 3.51 -4.20 3.82
C PHE A 145 3.32 -4.27 2.29
N MET A 146 2.46 -5.18 1.86
CA MET A 146 2.10 -5.29 0.48
C MET A 146 0.89 -4.42 0.18
N PHE A 147 0.02 -4.28 1.17
CA PHE A 147 -1.19 -3.42 1.05
C PHE A 147 -2.16 -3.91 0.00
N ARG A 148 -2.17 -5.24 -0.09
CA ARG A 148 -3.09 -5.98 -0.92
C ARG A 148 -3.60 -7.04 0.04
N ASN A 149 -4.80 -7.58 -0.25
CA ASN A 149 -5.41 -8.58 0.58
C ASN A 149 -6.28 -9.44 -0.36
N PRO A 150 -6.10 -10.77 -0.31
CA PRO A 150 -6.87 -11.68 -1.21
C PRO A 150 -8.37 -11.69 -0.90
N LEU A 151 -8.74 -11.17 0.25
CA LEU A 151 -10.15 -11.15 0.68
C LEU A 151 -10.91 -9.96 0.23
N ARG A 152 -10.25 -9.00 -0.44
CA ARG A 152 -10.97 -7.80 -0.84
C ARG A 152 -12.03 -8.18 -1.84
N GLY A 153 -13.23 -7.64 -1.69
CA GLY A 153 -14.36 -8.01 -2.52
C GLY A 153 -15.35 -8.75 -1.65
N PRO A 154 -16.46 -9.18 -2.24
CA PRO A 154 -17.52 -9.89 -1.49
C PRO A 154 -17.01 -11.20 -0.89
N ASN A 155 -17.57 -11.59 0.24
CA ASN A 155 -17.09 -12.73 1.02
C ASN A 155 -18.11 -13.85 1.01
N ASP A 156 -17.68 -15.09 0.79
CA ASP A 156 -18.50 -16.30 0.99
C ASP A 156 -18.26 -16.81 2.42
N GLU A 157 -19.29 -16.67 3.24
CA GLU A 157 -19.22 -17.08 4.64
C GLU A 157 -19.06 -18.59 4.79
N LYS A 158 -19.33 -19.34 3.73
CA LYS A 158 -19.14 -20.79 3.73
C LYS A 158 -17.68 -21.13 3.65
N ILE A 159 -16.92 -20.24 3.04
CA ILE A 159 -15.46 -20.39 2.97
C ILE A 159 -14.79 -19.90 4.26
N GLY A 160 -15.18 -18.73 4.75
CA GLY A 160 -14.65 -18.20 6.02
C GLY A 160 -15.29 -16.87 6.31
N PRO A 161 -15.01 -16.30 7.49
CA PRO A 161 -15.68 -15.05 7.95
C PRO A 161 -15.32 -13.80 7.14
N ARG A 162 -16.11 -12.75 7.31
CA ARG A 162 -15.85 -11.47 6.63
C ARG A 162 -14.54 -10.84 7.14
N PHE A 163 -14.32 -10.95 8.45
CA PHE A 163 -13.21 -10.25 9.17
C PHE A 163 -12.40 -11.25 10.02
N PRO A 164 -11.51 -12.05 9.41
CA PRO A 164 -10.70 -13.02 10.11
C PRO A 164 -9.80 -12.45 11.20
N ASP A 165 -9.79 -13.14 12.33
CA ASP A 165 -8.90 -12.83 13.47
C ASP A 165 -7.48 -13.23 13.09
N MET A 166 -6.55 -12.30 13.30
CA MET A 166 -5.16 -12.49 12.95
C MET A 166 -4.34 -12.29 14.19
N SER A 167 -4.98 -12.49 15.35
CA SER A 167 -4.35 -12.33 16.66
C SER A 167 -3.30 -13.38 16.95
N SER A 168 -3.48 -14.59 16.38
CA SER A 168 -2.51 -15.70 16.55
C SER A 168 -2.31 -16.43 15.26
N VAL A 169 -1.60 -15.82 14.34
CA VAL A 169 -1.52 -16.41 13.03
C VAL A 169 -0.85 -17.80 13.11
N VAL A 170 0.28 -17.88 13.83
CA VAL A 170 1.10 -19.11 13.93
C VAL A 170 0.51 -19.97 15.06
N ASP A 171 0.22 -21.23 14.72
CA ASP A 171 -0.35 -22.14 15.69
C ASP A 171 0.61 -22.35 16.86
N PRO A 172 0.20 -21.93 18.09
CA PRO A 172 1.08 -22.06 19.23
C PRO A 172 1.60 -23.49 19.47
N GLU A 173 0.71 -24.49 19.43
CA GLU A 173 1.09 -25.86 19.71
C GLU A 173 2.04 -26.44 18.68
N TRP A 174 1.70 -26.25 17.39
CA TRP A 174 2.55 -26.70 16.27
C TRP A 174 3.97 -26.12 16.42
N ALA A 175 4.06 -24.82 16.63
CA ALA A 175 5.35 -24.13 16.79
C ALA A 175 6.12 -24.58 18.02
N ARG A 176 5.41 -24.82 19.11
CA ARG A 176 6.04 -25.31 20.32
C ARG A 176 6.66 -26.69 20.10
N LYS A 177 5.92 -27.61 19.49
CA LYS A 177 6.41 -28.96 19.23
C LYS A 177 7.60 -28.92 18.27
N ILE A 178 7.54 -28.06 17.25
CA ILE A 178 8.65 -27.87 16.33
C ILE A 178 9.86 -27.33 17.05
N GLN A 179 9.66 -26.29 17.84
CA GLN A 179 10.75 -25.67 18.57
C GLN A 179 11.41 -26.56 19.64
N GLU A 180 10.62 -27.42 20.27
CA GLU A 180 11.13 -28.37 21.24
C GLU A 180 12.17 -29.31 20.60
N ARG A 181 11.93 -29.69 19.34
CA ARG A 181 12.88 -30.45 18.58
C ARG A 181 14.02 -29.59 18.01
N LEU A 182 13.71 -28.49 17.35
CA LEU A 182 14.73 -27.78 16.54
C LEU A 182 15.39 -26.57 17.17
N SER A 183 14.72 -25.92 18.12
CA SER A 183 15.29 -24.70 18.74
C SER A 183 15.81 -23.68 17.71
N LEU A 184 14.97 -23.33 16.75
CA LEU A 184 15.33 -22.34 15.75
C LEU A 184 15.23 -20.94 16.33
N LYS A 185 15.95 -20.01 15.68
CA LYS A 185 15.74 -18.57 15.93
C LYS A 185 14.34 -18.23 15.54
N GLU A 186 13.77 -17.19 16.13
CA GLU A 186 12.47 -16.73 15.73
C GLU A 186 12.58 -15.29 15.32
N GLY A 187 11.62 -14.88 14.51
CA GLY A 187 11.59 -13.55 13.95
C GLY A 187 10.25 -13.11 13.37
N VAL A 188 10.09 -11.81 13.24
CA VAL A 188 8.96 -11.25 12.53
C VAL A 188 9.29 -11.04 11.06
N TYR A 189 8.35 -11.46 10.24
CA TYR A 189 8.47 -11.37 8.80
C TYR A 189 7.57 -10.25 8.26
N ILE A 190 8.14 -9.37 7.45
CA ILE A 190 7.42 -8.34 6.74
C ILE A 190 7.39 -8.74 5.27
N GLY A 191 6.19 -8.73 4.71
CA GLY A 191 5.95 -9.01 3.31
C GLY A 191 5.91 -7.74 2.52
N VAL A 192 6.61 -7.73 1.39
CA VAL A 192 6.61 -6.56 0.54
C VAL A 192 6.40 -7.01 -0.92
N LEU A 193 5.97 -6.09 -1.75
CA LEU A 193 5.59 -6.42 -3.12
C LEU A 193 6.75 -6.86 -4.02
N GLY A 194 7.91 -6.20 -3.87
CA GLY A 194 8.97 -6.34 -4.84
C GLY A 194 8.53 -5.87 -6.21
N PRO A 195 9.20 -6.35 -7.28
CA PRO A 195 10.33 -7.27 -7.25
C PRO A 195 11.69 -6.64 -7.01
N SER A 196 11.84 -5.31 -7.11
CA SER A 196 13.12 -4.74 -6.78
C SER A 196 13.39 -4.96 -5.28
N TYR A 197 14.65 -5.10 -4.91
CA TYR A 197 15.02 -5.23 -3.50
C TYR A 197 14.88 -3.86 -2.85
N GLU A 198 15.06 -3.85 -1.54
CA GLU A 198 14.85 -2.67 -0.73
C GLU A 198 16.09 -1.83 -0.68
N THR A 199 15.90 -0.56 -0.36
CA THR A 199 17.00 0.33 -0.14
C THR A 199 17.43 0.25 1.33
N PRO A 200 18.64 0.71 1.63
CA PRO A 200 19.05 0.78 3.02
C PRO A 200 18.05 1.66 3.79
N ALA A 201 17.57 2.77 3.22
CA ALA A 201 16.57 3.61 3.94
C ALA A 201 15.29 2.82 4.29
N GLU A 202 14.83 2.04 3.31
CA GLU A 202 13.63 1.19 3.49
C GLU A 202 13.84 0.14 4.57
N ILE A 203 15.04 -0.45 4.61
CA ILE A 203 15.39 -1.47 5.55
C ILE A 203 15.50 -0.87 6.97
N ARG A 204 16.01 0.36 7.09
CA ARG A 204 16.05 1.00 8.39
C ARG A 204 14.63 1.27 8.91
N VAL A 205 13.69 1.53 8.01
CA VAL A 205 12.27 1.66 8.33
C VAL A 205 11.81 0.36 8.89
N PHE A 206 12.07 -0.73 8.18
CA PHE A 206 11.57 -2.06 8.61
C PHE A 206 12.19 -2.46 9.94
N GLU A 207 13.46 -2.14 10.16
CA GLU A 207 14.11 -2.41 11.43
C GLU A 207 13.40 -1.65 12.55
N LYS A 208 13.12 -0.37 12.32
CA LYS A 208 12.40 0.44 13.31
C LYS A 208 11.06 -0.13 13.63
N LEU A 209 10.37 -0.64 12.61
CA LEU A 209 9.03 -1.14 12.79
C LEU A 209 9.00 -2.56 13.33
N GLY A 210 10.15 -3.16 13.56
CA GLY A 210 10.23 -4.43 14.29
C GLY A 210 10.35 -5.70 13.46
N ALA A 211 10.58 -5.56 12.15
CA ALA A 211 10.76 -6.73 11.29
C ALA A 211 12.17 -7.32 11.41
N ASP A 212 12.25 -8.64 11.37
CA ASP A 212 13.52 -9.38 11.38
C ASP A 212 13.96 -9.96 10.03
N LEU A 213 12.95 -10.09 9.15
CA LEU A 213 13.04 -10.70 7.86
C LEU A 213 12.15 -9.99 6.87
N VAL A 214 12.62 -9.90 5.64
CA VAL A 214 11.84 -9.29 4.53
C VAL A 214 11.81 -10.21 3.31
N GLY A 215 10.60 -10.45 2.81
CA GLY A 215 10.41 -11.23 1.61
C GLY A 215 9.21 -10.77 0.83
N MET A 216 8.97 -11.44 -0.29
CA MET A 216 7.99 -11.02 -1.28
C MET A 216 6.86 -12.00 -1.41
N SER A 217 6.79 -12.98 -0.52
CA SER A 217 5.71 -13.99 -0.56
C SER A 217 4.93 -13.97 0.75
N THR A 218 4.20 -15.05 1.01
CA THR A 218 3.76 -15.53 2.34
C THR A 218 2.47 -14.88 2.85
N VAL A 219 2.46 -13.58 2.87
CA VAL A 219 1.33 -12.85 3.40
C VAL A 219 -0.04 -13.25 2.74
N PRO A 220 -0.14 -13.19 1.40
CA PRO A 220 -1.43 -13.50 0.83
C PRO A 220 -1.93 -14.91 1.15
N GLU A 221 -1.09 -15.92 0.96
CA GLU A 221 -1.48 -17.30 1.29
C GLU A 221 -1.76 -17.54 2.81
N VAL A 222 -1.04 -16.85 3.69
CA VAL A 222 -1.31 -16.92 5.11
C VAL A 222 -2.68 -16.28 5.47
N ILE A 223 -3.00 -15.16 4.84
CA ILE A 223 -4.30 -14.55 5.07
C ILE A 223 -5.43 -15.51 4.66
N ALA A 224 -5.25 -16.18 3.51
CA ALA A 224 -6.23 -17.12 2.96
C ALA A 224 -6.41 -18.30 3.90
N ALA A 225 -5.28 -18.81 4.41
CA ALA A 225 -5.22 -19.97 5.35
C ALA A 225 -5.96 -19.74 6.69
N LYS A 226 -5.70 -18.60 7.29
CA LYS A 226 -6.43 -18.17 8.47
C LYS A 226 -7.93 -18.03 8.16
N HIS A 227 -8.27 -17.36 7.05
CA HIS A 227 -9.66 -17.23 6.56
C HIS A 227 -10.38 -18.54 6.50
N CYS A 228 -9.79 -19.51 5.79
CA CYS A 228 -10.47 -20.79 5.70
C CYS A 228 -10.26 -21.70 6.88
N GLY A 229 -9.57 -21.26 7.92
CA GLY A 229 -9.51 -22.03 9.18
C GLY A 229 -8.42 -23.08 9.26
N LEU A 230 -7.38 -22.96 8.46
CA LEU A 230 -6.23 -23.83 8.59
C LEU A 230 -5.22 -23.39 9.65
N LYS A 231 -4.54 -24.34 10.24
CA LYS A 231 -3.44 -23.99 11.12
C LYS A 231 -2.27 -23.59 10.22
N VAL A 232 -1.39 -22.76 10.77
CA VAL A 232 -0.23 -22.23 10.04
C VAL A 232 1.03 -22.29 10.88
N VAL A 233 2.11 -22.81 10.28
CA VAL A 233 3.47 -22.41 10.59
C VAL A 233 4.22 -21.88 9.30
N VAL A 234 5.20 -21.01 9.55
CA VAL A 234 5.99 -20.35 8.52
C VAL A 234 7.49 -20.49 8.85
N PHE A 235 8.29 -20.91 7.88
CA PHE A 235 9.74 -20.88 7.99
C PHE A 235 10.32 -19.95 6.95
N SER A 236 11.33 -19.18 7.36
CA SER A 236 12.12 -18.42 6.41
C SER A 236 13.50 -18.99 6.30
N CYS A 237 13.95 -19.03 5.06
CA CYS A 237 15.33 -19.31 4.70
C CYS A 237 16.04 -17.99 4.41
N VAL A 238 17.07 -17.68 5.18
CA VAL A 238 17.82 -16.44 4.96
C VAL A 238 18.73 -16.65 3.76
N THR A 239 18.48 -15.87 2.71
CA THR A 239 19.25 -15.94 1.50
C THR A 239 20.39 -14.91 1.53
N ASN A 240 20.25 -13.87 2.37
CA ASN A 240 21.15 -12.76 2.37
C ASN A 240 20.84 -11.86 3.50
N MET A 241 21.78 -10.98 3.85
CA MET A 241 21.52 -9.86 4.76
C MET A 241 20.83 -8.77 3.93
N ALA A 242 19.78 -8.15 4.48
CA ALA A 242 19.08 -7.10 3.79
C ALA A 242 19.97 -5.86 3.52
N ALA A 243 19.50 -4.97 2.64
CA ALA A 243 20.34 -3.87 2.15
C ALA A 243 20.73 -2.93 3.27
N GLY A 244 21.96 -2.45 3.20
CA GLY A 244 22.54 -1.62 4.23
C GLY A 244 23.14 -2.38 5.41
N ILE A 245 22.76 -3.64 5.55
CA ILE A 245 23.26 -4.48 6.60
C ILE A 245 24.34 -5.41 6.05
N SER A 251 30.57 -13.56 -2.50
CA SER A 251 31.25 -14.63 -3.22
C SER A 251 30.23 -15.62 -3.77
N HIS A 252 30.47 -16.08 -4.99
CA HIS A 252 29.66 -17.14 -5.56
C HIS A 252 29.86 -18.39 -4.71
N GLU A 253 31.08 -18.56 -4.21
CA GLU A 253 31.42 -19.66 -3.30
C GLU A 253 30.49 -19.62 -2.10
N GLU A 254 30.37 -18.44 -1.51
CA GLU A 254 29.40 -18.18 -0.42
C GLU A 254 27.90 -18.40 -0.75
N VAL A 255 27.43 -18.02 -1.93
CA VAL A 255 26.04 -18.39 -2.32
C VAL A 255 25.94 -19.92 -2.47
N VAL A 256 26.96 -20.54 -3.03
CA VAL A 256 27.00 -22.01 -3.08
C VAL A 256 26.88 -22.66 -1.66
N ARG A 257 27.71 -22.17 -0.75
CA ARG A 257 27.74 -22.71 0.60
C ARG A 257 26.38 -22.50 1.28
N THR A 258 25.84 -21.30 1.23
CA THR A 258 24.64 -20.97 1.98
C THR A 258 23.41 -21.69 1.36
N THR A 259 23.42 -21.82 0.03
CA THR A 259 22.37 -22.57 -0.67
C THR A 259 22.41 -24.06 -0.23
N LYS A 260 23.60 -24.65 -0.15
CA LYS A 260 23.71 -26.02 0.38
C LYS A 260 23.21 -26.06 1.83
N MET A 261 23.67 -25.15 2.68
CA MET A 261 23.25 -25.19 4.09
C MET A 261 21.71 -25.17 4.23
N ALA A 262 21.07 -24.25 3.50
CA ALA A 262 19.62 -24.06 3.63
C ALA A 262 18.85 -25.31 3.20
N GLN A 263 19.23 -25.90 2.07
CA GLN A 263 18.52 -27.10 1.57
C GLN A 263 18.29 -28.20 2.63
N GLY A 264 19.35 -28.55 3.34
CA GLY A 264 19.33 -29.63 4.32
C GLY A 264 18.69 -29.21 5.63
N LYS A 265 18.91 -27.95 6.01
CA LYS A 265 18.25 -27.38 7.19
C LYS A 265 16.75 -27.26 6.98
N ILE A 266 16.33 -26.87 5.79
CA ILE A 266 14.89 -26.79 5.50
C ILE A 266 14.25 -28.18 5.41
N GLU A 267 14.97 -29.17 4.88
CA GLU A 267 14.40 -30.48 4.82
C GLU A 267 14.06 -30.95 6.25
N LYS A 268 14.98 -30.75 7.19
CA LYS A 268 14.74 -31.15 8.57
C LYS A 268 13.61 -30.37 9.22
N ALA A 269 13.50 -29.07 8.91
CA ALA A 269 12.42 -28.21 9.47
C ALA A 269 11.04 -28.70 9.01
N LEU A 270 10.96 -28.94 7.70
CA LEU A 270 9.76 -29.39 7.05
C LEU A 270 9.33 -30.74 7.52
N THR A 271 10.28 -31.68 7.64
CA THR A 271 9.98 -33.03 8.13
C THR A 271 9.52 -33.01 9.58
N THR A 272 10.19 -32.21 10.40
CA THR A 272 9.78 -32.07 11.79
C THR A 272 8.33 -31.57 11.88
N ALA A 273 8.01 -30.56 11.08
CA ALA A 273 6.70 -29.90 11.12
C ALA A 273 5.57 -30.88 10.75
N VAL A 274 5.86 -31.72 9.75
CA VAL A 274 4.95 -32.77 9.31
C VAL A 274 4.79 -33.78 10.44
N GLU A 275 5.90 -34.26 10.99
CA GLU A 275 5.90 -35.31 12.01
C GLU A 275 5.20 -34.90 13.30
N VAL A 276 5.39 -33.66 13.76
CA VAL A 276 4.76 -33.23 15.02
C VAL A 276 3.32 -32.71 14.89
N PHE A 277 2.82 -32.58 13.65
CA PHE A 277 1.51 -31.98 13.44
C PHE A 277 0.43 -32.83 14.11
N MET B 13 -18.57 12.76 -13.99
CA MET B 13 -18.62 12.87 -12.48
C MET B 13 -19.58 13.96 -12.07
N MET B 14 -19.33 15.17 -12.53
CA MET B 14 -20.25 16.25 -12.24
C MET B 14 -21.68 15.90 -12.81
N LYS B 15 -21.73 15.18 -13.93
CA LYS B 15 -23.03 14.76 -14.51
C LYS B 15 -23.73 13.68 -13.63
N LYS B 16 -22.94 12.75 -13.12
CA LYS B 16 -23.47 11.75 -12.19
C LYS B 16 -24.03 12.43 -10.94
N ILE B 17 -23.31 13.42 -10.44
CA ILE B 17 -23.73 14.17 -9.25
C ILE B 17 -25.09 14.84 -9.47
N GLU B 18 -25.20 15.55 -10.59
CA GLU B 18 -26.43 16.28 -10.93
C GLU B 18 -27.60 15.34 -11.09
N GLU B 19 -27.33 14.18 -11.70
CA GLU B 19 -28.36 13.14 -11.87
C GLU B 19 -28.91 12.62 -10.53
N ALA B 20 -28.00 12.30 -9.63
CA ALA B 20 -28.36 11.81 -8.31
C ALA B 20 -29.09 12.94 -7.57
N ARG B 21 -28.59 14.18 -7.73
CA ARG B 21 -29.13 15.33 -6.99
C ARG B 21 -30.59 15.56 -7.39
N THR B 22 -30.89 15.38 -8.68
CA THR B 22 -32.24 15.63 -9.20
C THR B 22 -33.19 14.59 -8.63
N PHE B 23 -32.66 13.36 -8.50
CA PHE B 23 -33.42 12.24 -8.00
C PHE B 23 -33.81 12.51 -6.57
N ILE B 24 -32.84 12.94 -5.77
CA ILE B 24 -33.11 13.29 -4.39
C ILE B 24 -34.08 14.46 -4.25
N SER B 25 -33.86 15.51 -5.04
CA SER B 25 -34.67 16.73 -4.98
C SER B 25 -36.15 16.44 -5.16
N GLU B 26 -36.42 15.42 -5.97
CA GLU B 26 -37.76 15.05 -6.30
C GLU B 26 -38.43 14.25 -5.17
N ARG B 27 -37.65 13.95 -4.11
CA ARG B 27 -38.14 13.27 -2.94
C ARG B 27 -38.06 14.03 -1.60
N THR B 28 -37.22 15.07 -1.56
CA THR B 28 -37.08 15.91 -0.38
C THR B 28 -36.57 17.25 -0.82
N ASN B 29 -37.17 18.32 -0.28
CA ASN B 29 -36.72 19.68 -0.52
C ASN B 29 -35.87 20.18 0.65
N LEU B 30 -35.52 19.29 1.56
CA LEU B 30 -34.68 19.66 2.68
C LEU B 30 -33.41 20.27 2.13
N SER B 31 -32.90 21.29 2.78
CA SER B 31 -31.59 21.82 2.48
C SER B 31 -30.68 21.46 3.67
N PRO B 32 -30.17 20.21 3.71
CA PRO B 32 -29.45 19.77 4.89
C PRO B 32 -28.06 20.42 5.01
N ASP B 33 -27.67 20.73 6.24
CA ASP B 33 -26.43 21.44 6.53
C ASP B 33 -25.32 20.51 6.82
N ILE B 34 -25.68 19.28 7.22
CA ILE B 34 -24.74 18.27 7.70
C ILE B 34 -25.07 16.88 7.13
N LEU B 35 -24.04 16.25 6.58
CA LEU B 35 -24.03 14.81 6.23
C LEU B 35 -23.54 14.01 7.41
N ILE B 36 -24.26 12.97 7.78
CA ILE B 36 -23.81 12.07 8.85
C ILE B 36 -23.62 10.68 8.26
N ILE B 37 -22.41 10.18 8.36
CA ILE B 37 -22.05 8.86 7.83
C ILE B 37 -21.99 7.80 8.95
N LEU B 38 -22.96 6.89 8.92
CA LEU B 38 -23.13 5.83 9.92
C LEU B 38 -22.98 4.48 9.24
N GLY B 39 -22.49 3.52 10.02
CA GLY B 39 -22.49 2.13 9.62
C GLY B 39 -23.80 1.39 9.39
N SER B 40 -24.94 1.88 9.84
CA SER B 40 -26.17 1.07 9.61
C SER B 40 -27.48 1.84 9.85
N GLY B 43 -29.90 2.80 14.90
CA GLY B 43 -30.43 2.62 16.26
C GLY B 43 -31.34 3.75 16.76
N PRO B 44 -31.11 4.24 18.01
CA PRO B 44 -31.98 5.29 18.56
C PRO B 44 -31.78 6.65 17.88
N PHE B 45 -30.67 6.80 17.18
CA PHE B 45 -30.35 8.06 16.59
C PHE B 45 -31.19 8.27 15.33
N ILE B 46 -31.18 7.27 14.45
CA ILE B 46 -32.02 7.30 13.25
C ILE B 46 -33.48 7.36 13.70
N GLU B 47 -33.83 6.55 14.68
CA GLU B 47 -35.23 6.56 15.20
C GLU B 47 -35.66 7.94 15.67
N LYS B 48 -34.73 8.75 16.19
CA LYS B 48 -34.99 10.15 16.61
C LYS B 48 -35.23 11.18 15.49
N VAL B 49 -34.83 10.89 14.26
CA VAL B 49 -34.97 11.89 13.17
C VAL B 49 -36.42 12.33 12.97
N GLU B 50 -36.61 13.65 12.76
CA GLU B 50 -37.98 14.23 12.66
C GLU B 50 -38.37 14.33 11.18
N ASP B 51 -39.62 13.99 10.88
CA ASP B 51 -40.13 14.04 9.50
C ASP B 51 -39.18 13.32 8.53
N PRO B 52 -38.83 12.06 8.83
CA PRO B 52 -37.78 11.37 8.09
C PRO B 52 -38.25 11.02 6.69
N VAL B 53 -37.42 11.33 5.70
CA VAL B 53 -37.64 10.87 4.35
C VAL B 53 -36.50 9.88 3.99
N ILE B 54 -36.86 8.67 3.60
CA ILE B 54 -35.92 7.60 3.35
C ILE B 54 -35.79 7.30 1.87
N ILE B 55 -34.55 7.22 1.41
CA ILE B 55 -34.28 6.92 0.00
C ILE B 55 -33.27 5.77 -0.04
N ASP B 56 -33.67 4.63 -0.59
CA ASP B 56 -32.77 3.49 -0.73
C ASP B 56 -31.61 3.73 -1.70
N TYR B 57 -30.43 3.35 -1.28
CA TYR B 57 -29.25 3.43 -2.12
C TYR B 57 -29.47 2.72 -3.46
N LYS B 58 -30.30 1.66 -3.46
CA LYS B 58 -30.50 0.85 -4.66
C LYS B 58 -31.23 1.64 -5.71
N ASP B 59 -31.86 2.75 -5.33
CA ASP B 59 -32.66 3.55 -6.23
C ASP B 59 -31.95 4.79 -6.71
N ILE B 60 -30.87 5.16 -6.04
CA ILE B 60 -30.15 6.41 -6.30
C ILE B 60 -29.18 6.28 -7.46
N PRO B 61 -29.35 7.14 -8.50
CA PRO B 61 -28.47 7.06 -9.64
C PRO B 61 -27.00 7.13 -9.21
N HIS B 62 -26.22 6.16 -9.70
CA HIS B 62 -24.76 6.11 -9.58
C HIS B 62 -24.24 5.77 -8.21
N PHE B 63 -25.12 5.33 -7.30
CA PHE B 63 -24.65 4.86 -6.03
C PHE B 63 -24.00 3.52 -6.18
N PRO B 64 -23.16 3.15 -5.21
CA PRO B 64 -22.46 1.88 -5.24
C PRO B 64 -23.36 0.67 -5.20
N GLY B 73 -28.35 -0.25 2.01
CA GLY B 73 -28.33 1.01 2.75
C GLY B 73 -29.36 2.01 2.29
N LYS B 74 -29.50 3.10 3.05
CA LYS B 74 -30.54 4.10 2.81
C LYS B 74 -30.07 5.46 3.25
N LEU B 75 -30.38 6.53 2.50
CA LEU B 75 -30.27 7.91 3.00
C LEU B 75 -31.50 8.23 3.81
N VAL B 76 -31.34 8.84 4.96
CA VAL B 76 -32.46 9.42 5.71
C VAL B 76 -32.24 10.92 5.90
N PHE B 77 -33.20 11.68 5.40
CA PHE B 77 -33.25 13.12 5.52
C PHE B 77 -34.33 13.45 6.54
N GLY B 78 -34.13 14.55 7.26
CA GLY B 78 -35.04 15.01 8.32
C GLY B 78 -34.28 15.92 9.27
N ARG B 79 -34.76 16.07 10.49
CA ARG B 79 -34.16 17.05 11.41
C ARG B 79 -33.82 16.42 12.73
N ILE B 80 -32.70 16.86 13.26
CA ILE B 80 -32.14 16.41 14.53
C ILE B 80 -31.96 17.74 15.28
N SER B 81 -32.61 17.82 16.44
CA SER B 81 -32.68 19.06 17.18
C SER B 81 -32.98 20.23 16.28
N ASP B 82 -34.03 20.09 15.49
CA ASP B 82 -34.53 21.14 14.58
C ASP B 82 -33.62 21.47 13.38
N LYS B 83 -32.46 20.84 13.30
CA LYS B 83 -31.49 21.18 12.29
C LYS B 83 -31.67 20.14 11.18
N PRO B 84 -31.76 20.58 9.91
CA PRO B 84 -31.90 19.61 8.85
C PRO B 84 -30.59 18.89 8.53
N VAL B 85 -30.69 17.57 8.43
CA VAL B 85 -29.55 16.66 8.23
C VAL B 85 -29.79 15.61 7.16
N MET B 86 -28.69 15.14 6.59
CA MET B 86 -28.70 14.01 5.66
C MET B 86 -27.86 12.88 6.26
N ILE B 87 -28.48 11.75 6.50
CA ILE B 87 -27.83 10.63 7.10
C ILE B 87 -27.61 9.52 6.08
N MET B 88 -26.37 9.00 6.00
CA MET B 88 -26.06 7.71 5.40
C MET B 88 -26.16 6.59 6.41
N ALA B 89 -27.28 5.85 6.33
CA ALA B 89 -27.55 4.67 7.15
C ALA B 89 -26.98 3.50 6.35
N GLY B 90 -25.71 3.22 6.59
CA GLY B 90 -24.93 2.33 5.74
C GLY B 90 -23.87 3.15 5.03
N ARG B 91 -22.69 2.59 4.92
CA ARG B 91 -21.58 3.29 4.27
C ARG B 91 -20.79 2.27 3.46
N PHE B 92 -19.75 2.73 2.79
CA PHE B 92 -18.94 1.86 1.92
C PHE B 92 -17.47 1.76 2.36
N HIS B 93 -16.88 0.57 2.12
CA HIS B 93 -15.54 0.23 2.53
C HIS B 93 -14.77 -0.30 1.34
N LEU B 94 -13.49 0.04 1.28
CA LEU B 94 -12.63 -0.49 0.22
C LEU B 94 -12.50 -2.03 0.31
N TYR B 95 -12.59 -2.63 1.52
CA TYR B 95 -12.52 -4.12 1.60
C TYR B 95 -13.65 -4.82 0.85
N GLU B 96 -14.74 -4.11 0.59
CA GLU B 96 -15.89 -4.69 -0.16
C GLU B 96 -15.57 -4.83 -1.64
N GLY B 97 -14.52 -4.17 -2.11
CA GLY B 97 -14.16 -4.15 -3.54
C GLY B 97 -14.45 -2.86 -4.27
N HIS B 98 -15.05 -1.89 -3.58
CA HIS B 98 -15.34 -0.60 -4.18
C HIS B 98 -14.09 0.15 -4.59
N ASP B 99 -14.14 0.74 -5.78
CA ASP B 99 -13.18 1.78 -6.16
C ASP B 99 -13.24 2.92 -5.12
N PRO B 100 -12.08 3.50 -4.74
CA PRO B 100 -12.05 4.68 -3.89
C PRO B 100 -12.97 5.83 -4.28
N ALA B 101 -13.05 6.14 -5.58
CA ALA B 101 -13.94 7.20 -6.08
C ALA B 101 -15.41 6.86 -5.84
N THR B 102 -15.78 5.59 -5.90
CA THR B 102 -17.13 5.17 -5.59
C THR B 102 -17.45 5.42 -4.11
N VAL B 103 -16.53 5.03 -3.21
CA VAL B 103 -16.71 5.26 -1.75
C VAL B 103 -16.95 6.79 -1.48
N ALA B 104 -16.25 7.63 -2.24
CA ALA B 104 -16.32 9.06 -2.07
C ALA B 104 -17.55 9.77 -2.69
N PHE B 105 -18.19 9.17 -3.70
CA PHE B 105 -19.25 9.79 -4.46
C PHE B 105 -20.42 10.37 -3.61
N PRO B 106 -20.91 9.59 -2.62
CA PRO B 106 -22.00 10.11 -1.77
C PRO B 106 -21.64 11.42 -1.09
N VAL B 107 -20.37 11.62 -0.82
CA VAL B 107 -19.92 12.85 -0.15
C VAL B 107 -20.02 14.03 -1.14
N TYR B 108 -19.55 13.82 -2.35
CA TYR B 108 -19.74 14.87 -3.35
C TYR B 108 -21.22 15.20 -3.55
N LEU B 109 -22.04 14.16 -3.65
CA LEU B 109 -23.48 14.32 -3.77
C LEU B 109 -24.05 15.17 -2.64
N ALA B 110 -23.67 14.87 -1.38
CA ALA B 110 -24.02 15.66 -0.22
C ALA B 110 -23.63 17.12 -0.35
N LYS B 111 -22.39 17.39 -0.81
CA LYS B 111 -21.97 18.77 -1.04
C LYS B 111 -22.99 19.50 -1.87
N TYR B 112 -23.34 18.94 -3.02
CA TYR B 112 -24.22 19.61 -4.00
C TYR B 112 -25.68 19.64 -3.63
N VAL B 113 -26.10 18.77 -2.72
CA VAL B 113 -27.41 18.83 -2.10
C VAL B 113 -27.42 19.98 -1.11
N GLY B 114 -26.21 20.38 -0.69
CA GLY B 114 -26.04 21.61 0.05
C GLY B 114 -25.39 21.48 1.41
N VAL B 115 -24.88 20.33 1.79
CA VAL B 115 -24.30 20.25 3.16
C VAL B 115 -23.01 21.05 3.28
N LYS B 116 -22.70 21.47 4.50
CA LYS B 116 -21.52 22.30 4.78
C LYS B 116 -20.54 21.56 5.65
N GLY B 117 -21.01 20.51 6.32
CA GLY B 117 -20.23 19.76 7.27
C GLY B 117 -20.55 18.28 7.18
N VAL B 118 -19.57 17.47 7.54
CA VAL B 118 -19.72 16.02 7.64
C VAL B 118 -19.30 15.51 9.00
N VAL B 119 -20.15 14.69 9.59
CA VAL B 119 -19.77 13.89 10.76
C VAL B 119 -19.55 12.45 10.26
N VAL B 120 -18.30 11.99 10.31
CA VAL B 120 -17.98 10.60 9.93
C VAL B 120 -17.90 9.78 11.23
N THR B 121 -18.72 8.75 11.37
CA THR B 121 -18.51 7.83 12.49
C THR B 121 -17.71 6.63 11.96
N ASN B 122 -17.08 5.88 12.85
CA ASN B 122 -16.55 4.58 12.51
C ASN B 122 -16.51 3.67 13.72
N ALA B 123 -16.31 2.37 13.45
CA ALA B 123 -15.92 1.35 14.42
C ALA B 123 -14.40 1.17 14.41
N ALA B 124 -13.78 1.17 15.58
CA ALA B 124 -12.32 1.08 15.65
C ALA B 124 -11.81 0.18 16.78
N GLY B 125 -10.62 -0.39 16.54
CA GLY B 125 -9.88 -1.05 17.55
C GLY B 125 -9.01 -0.09 18.29
N ALA B 126 -9.02 -0.17 19.61
CA ALA B 126 -8.19 0.74 20.43
C ALA B 126 -6.76 0.24 20.57
N ILE B 127 -5.83 1.06 20.09
CA ILE B 127 -4.43 0.80 20.19
C ILE B 127 -3.97 1.45 21.50
N ASN B 128 -4.53 2.61 21.83
CA ASN B 128 -4.21 3.28 23.07
C ASN B 128 -4.86 2.52 24.24
N PRO B 129 -4.05 1.97 25.16
CA PRO B 129 -4.62 1.08 26.21
C PRO B 129 -5.48 1.79 27.25
N GLU B 130 -5.49 3.12 27.23
CA GLU B 130 -6.43 3.93 28.01
C GLU B 130 -7.82 4.01 27.41
N PHE B 131 -7.98 3.65 26.14
CA PHE B 131 -9.32 3.58 25.58
C PHE B 131 -9.96 2.26 25.92
N LYS B 132 -11.25 2.29 26.23
CA LYS B 132 -11.98 1.08 26.56
C LYS B 132 -13.11 0.82 25.51
N PRO B 133 -13.41 -0.46 25.21
CA PRO B 133 -14.50 -0.80 24.33
C PRO B 133 -15.80 -0.15 24.81
N GLY B 134 -16.56 0.41 23.87
CA GLY B 134 -17.80 1.12 24.21
C GLY B 134 -17.66 2.64 24.29
N GLU B 135 -16.43 3.12 24.41
CA GLU B 135 -16.14 4.55 24.40
C GLU B 135 -16.21 5.18 23.01
N ILE B 136 -16.56 6.46 23.03
CA ILE B 136 -16.53 7.35 21.89
C ILE B 136 -15.32 8.28 22.03
N ILE B 137 -14.53 8.33 20.98
CA ILE B 137 -13.32 9.10 20.93
C ILE B 137 -13.45 10.12 19.84
N LEU B 138 -13.03 11.34 20.12
CA LEU B 138 -13.00 12.39 19.14
C LEU B 138 -11.71 12.21 18.37
N VAL B 139 -11.79 11.95 17.09
CA VAL B 139 -10.57 11.73 16.29
C VAL B 139 -10.01 13.10 15.93
N ARG B 140 -8.77 13.36 16.32
CA ARG B 140 -8.13 14.63 16.08
C ARG B 140 -7.36 14.71 14.75
N ASP B 141 -6.87 13.56 14.26
CA ASP B 141 -6.16 13.50 13.00
C ASP B 141 -6.16 12.07 12.46
N ILE B 142 -5.91 11.93 11.15
CA ILE B 142 -5.95 10.64 10.48
C ILE B 142 -4.63 10.32 9.82
N ILE B 143 -4.29 9.03 9.80
CA ILE B 143 -3.18 8.50 9.00
C ILE B 143 -3.79 7.52 7.94
N ASN B 144 -3.48 7.77 6.68
CA ASN B 144 -3.92 6.89 5.62
C ASN B 144 -2.89 5.80 5.37
N PHE B 145 -3.21 4.60 5.84
CA PHE B 145 -2.44 3.38 5.55
C PHE B 145 -3.23 2.43 4.66
N MET B 146 -4.10 3.00 3.85
CA MET B 146 -4.81 2.23 2.85
C MET B 146 -4.04 2.32 1.52
N PHE B 147 -3.36 3.43 1.32
CA PHE B 147 -2.54 3.65 0.11
C PHE B 147 -3.36 3.57 -1.16
N ARG B 148 -4.56 4.10 -0.99
CA ARG B 148 -5.50 4.33 -2.02
C ARG B 148 -5.98 5.78 -1.75
N ASN B 149 -6.41 6.47 -2.80
CA ASN B 149 -6.90 7.85 -2.69
C ASN B 149 -7.99 8.04 -3.75
N PRO B 150 -9.18 8.51 -3.33
CA PRO B 150 -10.32 8.74 -4.28
C PRO B 150 -10.08 9.78 -5.32
N LEU B 151 -9.06 10.63 -5.13
CA LEU B 151 -8.72 11.70 -6.10
C LEU B 151 -7.75 11.26 -7.21
N ARG B 152 -7.29 10.01 -7.19
CA ARG B 152 -6.29 9.60 -8.19
C ARG B 152 -6.99 9.64 -9.52
N GLY B 153 -6.34 10.19 -10.53
CA GLY B 153 -6.94 10.36 -11.84
C GLY B 153 -7.16 11.84 -12.07
N PRO B 154 -7.71 12.19 -13.24
CA PRO B 154 -7.89 13.58 -13.56
C PRO B 154 -8.80 14.27 -12.54
N ASN B 155 -8.57 15.57 -12.37
CA ASN B 155 -9.28 16.40 -11.39
C ASN B 155 -10.18 17.44 -12.06
N ASP B 156 -11.41 17.59 -11.57
CA ASP B 156 -12.30 18.69 -11.92
C ASP B 156 -12.20 19.79 -10.86
N GLU B 157 -11.57 20.88 -11.28
CA GLU B 157 -11.27 22.01 -10.43
C GLU B 157 -12.55 22.70 -9.97
N LYS B 158 -13.67 22.39 -10.59
CA LYS B 158 -14.98 22.91 -10.15
C LYS B 158 -15.46 22.15 -8.92
N ILE B 159 -14.99 20.92 -8.79
CA ILE B 159 -15.28 20.16 -7.61
C ILE B 159 -14.32 20.49 -6.44
N GLY B 160 -13.01 20.49 -6.71
CA GLY B 160 -12.05 20.94 -5.72
C GLY B 160 -10.68 21.00 -6.35
N PRO B 161 -9.66 21.38 -5.56
CA PRO B 161 -8.29 21.51 -6.07
C PRO B 161 -7.56 20.20 -6.40
N ARG B 162 -6.52 20.32 -7.21
CA ARG B 162 -5.73 19.13 -7.60
C ARG B 162 -5.04 18.56 -6.37
N PHE B 163 -4.55 19.45 -5.50
CA PHE B 163 -3.75 19.09 -4.32
C PHE B 163 -4.35 19.72 -3.07
N PRO B 164 -5.41 19.06 -2.50
CA PRO B 164 -6.00 19.52 -1.23
C PRO B 164 -5.05 19.56 -0.03
N ASP B 165 -5.14 20.65 0.70
CA ASP B 165 -4.48 20.81 1.99
C ASP B 165 -5.13 19.91 3.03
N MET B 166 -4.33 19.13 3.73
CA MET B 166 -4.81 18.23 4.79
C MET B 166 -4.12 18.59 6.09
N SER B 167 -3.72 19.85 6.24
CA SER B 167 -3.06 20.35 7.44
C SER B 167 -3.96 20.43 8.67
N SER B 168 -5.26 20.56 8.46
CA SER B 168 -6.28 20.66 9.53
C SER B 168 -7.56 19.97 9.13
N VAL B 169 -7.52 18.67 9.05
CA VAL B 169 -8.67 17.94 8.53
C VAL B 169 -9.91 18.25 9.41
N VAL B 170 -9.74 18.18 10.72
CA VAL B 170 -10.86 18.27 11.66
C VAL B 170 -11.00 19.74 11.97
N ASP B 171 -12.20 20.26 11.70
CA ASP B 171 -12.53 21.63 11.96
C ASP B 171 -12.30 22.01 13.45
N PRO B 172 -11.36 22.93 13.71
CA PRO B 172 -11.02 23.33 15.06
C PRO B 172 -12.21 23.84 15.87
N GLU B 173 -13.06 24.68 15.27
CA GLU B 173 -14.19 25.28 16.01
C GLU B 173 -15.28 24.27 16.28
N TRP B 174 -15.67 23.49 15.28
CA TRP B 174 -16.63 22.40 15.50
C TRP B 174 -16.21 21.49 16.64
N ALA B 175 -14.96 21.01 16.58
CA ALA B 175 -14.39 20.12 17.63
C ALA B 175 -14.36 20.76 19.03
N ARG B 176 -14.00 22.04 19.08
CA ARG B 176 -13.95 22.81 20.34
C ARG B 176 -15.35 22.89 20.96
N LYS B 177 -16.35 23.22 20.17
CA LYS B 177 -17.70 23.35 20.69
C LYS B 177 -18.25 21.99 21.10
N ILE B 178 -17.92 20.92 20.38
CA ILE B 178 -18.26 19.53 20.79
C ILE B 178 -17.57 19.19 22.14
N GLN B 179 -16.27 19.44 22.21
CA GLN B 179 -15.52 19.09 23.40
C GLN B 179 -15.89 19.87 24.64
N GLU B 180 -16.25 21.14 24.46
CA GLU B 180 -16.72 21.95 25.57
C GLU B 180 -17.92 21.28 26.28
N ARG B 181 -18.78 20.63 25.49
CA ARG B 181 -19.92 19.90 26.01
C ARG B 181 -19.57 18.51 26.53
N LEU B 182 -18.84 17.72 25.72
CA LEU B 182 -18.67 16.29 25.98
C LEU B 182 -17.33 15.85 26.62
N SER B 183 -16.26 16.63 26.45
CA SER B 183 -14.97 16.27 27.00
C SER B 183 -14.55 14.81 26.71
N LEU B 184 -14.64 14.41 25.46
CA LEU B 184 -14.26 13.04 25.05
C LEU B 184 -12.77 12.93 25.00
N LYS B 185 -12.28 11.69 25.10
CA LYS B 185 -10.90 11.40 24.77
C LYS B 185 -10.63 11.77 23.29
N GLU B 186 -9.38 12.09 22.97
CA GLU B 186 -8.98 12.30 21.61
C GLU B 186 -7.90 11.33 21.22
N GLY B 187 -7.83 11.04 19.94
CA GLY B 187 -6.87 10.08 19.38
C GLY B 187 -6.66 10.24 17.89
N VAL B 188 -5.59 9.62 17.42
CA VAL B 188 -5.23 9.55 16.02
C VAL B 188 -5.71 8.24 15.42
N TYR B 189 -6.42 8.36 14.31
CA TYR B 189 -7.03 7.22 13.66
C TYR B 189 -6.23 6.84 12.42
N ILE B 190 -5.83 5.56 12.35
CA ILE B 190 -5.15 5.01 11.17
C ILE B 190 -6.20 4.14 10.40
N GLY B 191 -6.35 4.47 9.12
CA GLY B 191 -7.23 3.72 8.21
C GLY B 191 -6.44 2.66 7.51
N VAL B 192 -6.98 1.45 7.45
CA VAL B 192 -6.30 0.32 6.79
C VAL B 192 -7.35 -0.39 5.95
N LEU B 193 -6.91 -1.18 4.99
CA LEU B 193 -7.80 -1.81 4.03
C LEU B 193 -8.66 -2.94 4.68
N GLY B 194 -8.07 -3.76 5.53
CA GLY B 194 -8.71 -5.01 5.95
C GLY B 194 -8.89 -5.98 4.79
N PRO B 195 -9.89 -6.89 4.89
CA PRO B 195 -10.85 -7.05 5.97
C PRO B 195 -10.36 -7.89 7.13
N SER B 196 -9.25 -8.60 6.99
CA SER B 196 -8.74 -9.35 8.07
C SER B 196 -8.26 -8.35 9.10
N TYR B 197 -8.32 -8.74 10.39
CA TYR B 197 -7.85 -7.84 11.43
C TYR B 197 -6.33 -7.85 11.49
N GLU B 198 -5.75 -6.99 12.31
CA GLU B 198 -4.29 -6.81 12.33
C GLU B 198 -3.64 -7.84 13.27
N THR B 199 -2.35 -8.07 13.03
CA THR B 199 -1.57 -8.94 13.85
C THR B 199 -1.02 -8.10 14.99
N PRO B 200 -0.59 -8.75 16.08
CA PRO B 200 0.07 -8.03 17.14
C PRO B 200 1.28 -7.28 16.63
N ALA B 201 2.08 -7.87 15.73
CA ALA B 201 3.20 -7.13 15.11
C ALA B 201 2.77 -5.86 14.38
N GLU B 202 1.72 -5.96 13.58
CA GLU B 202 1.17 -4.83 12.87
C GLU B 202 0.69 -3.74 13.83
N ILE B 203 0.05 -4.15 14.91
CA ILE B 203 -0.44 -3.20 15.89
C ILE B 203 0.77 -2.50 16.62
N ARG B 204 1.85 -3.22 16.87
CA ARG B 204 3.03 -2.54 17.48
C ARG B 204 3.66 -1.55 16.47
N VAL B 205 3.55 -1.86 15.17
CA VAL B 205 3.95 -0.85 14.14
C VAL B 205 3.12 0.40 14.31
N PHE B 206 1.78 0.23 14.35
CA PHE B 206 0.86 1.35 14.44
C PHE B 206 1.03 2.17 15.70
N GLU B 207 1.31 1.50 16.81
CA GLU B 207 1.55 2.20 18.08
C GLU B 207 2.81 3.04 17.96
N LYS B 208 3.88 2.46 17.43
CA LYS B 208 5.12 3.22 17.19
C LYS B 208 4.89 4.41 16.26
N LEU B 209 3.99 4.26 15.29
CA LEU B 209 3.73 5.35 14.38
C LEU B 209 2.72 6.39 14.93
N GLY B 210 2.24 6.18 16.15
CA GLY B 210 1.47 7.20 16.84
C GLY B 210 -0.05 7.06 16.69
N ALA B 211 -0.52 5.91 16.23
CA ALA B 211 -1.96 5.69 16.10
C ALA B 211 -2.58 5.23 17.41
N ASP B 212 -3.72 5.81 17.77
CA ASP B 212 -4.55 5.40 18.92
C ASP B 212 -5.71 4.41 18.59
N LEU B 213 -6.16 4.47 17.35
CA LEU B 213 -7.30 3.73 16.84
C LEU B 213 -7.01 3.21 15.44
N VAL B 214 -7.55 2.02 15.14
CA VAL B 214 -7.46 1.43 13.81
C VAL B 214 -8.81 0.95 13.29
N GLY B 215 -9.10 1.33 12.06
CA GLY B 215 -10.31 0.91 11.41
C GLY B 215 -10.14 0.87 9.91
N MET B 216 -11.21 0.49 9.23
CA MET B 216 -11.18 0.16 7.83
C MET B 216 -12.00 1.10 6.94
N SER B 217 -12.46 2.22 7.50
CA SER B 217 -13.26 3.20 6.81
C SER B 217 -12.63 4.62 6.94
N THR B 218 -13.43 5.61 6.72
CA THR B 218 -13.17 7.02 7.11
C THR B 218 -12.25 7.81 6.17
N VAL B 219 -11.09 7.24 5.87
CA VAL B 219 -10.05 7.96 5.14
C VAL B 219 -10.57 8.42 3.76
N PRO B 220 -11.17 7.51 2.95
CA PRO B 220 -11.59 7.96 1.61
C PRO B 220 -12.66 9.08 1.62
N GLU B 221 -13.72 8.89 2.38
CA GLU B 221 -14.71 9.92 2.49
C GLU B 221 -14.17 11.22 3.12
N VAL B 222 -13.25 11.16 4.08
CA VAL B 222 -12.67 12.38 4.63
C VAL B 222 -11.82 13.13 3.57
N ILE B 223 -11.03 12.39 2.79
CA ILE B 223 -10.27 13.00 1.72
C ILE B 223 -11.19 13.71 0.72
N ALA B 224 -12.33 13.09 0.40
CA ALA B 224 -13.30 13.64 -0.52
C ALA B 224 -13.87 14.95 0.05
N ALA B 225 -14.22 14.91 1.32
CA ALA B 225 -14.85 16.00 2.05
C ALA B 225 -13.94 17.22 2.07
N LYS B 226 -12.68 17.01 2.40
CA LYS B 226 -11.71 18.07 2.39
C LYS B 226 -11.56 18.65 0.96
N HIS B 227 -11.42 17.77 -0.01
CA HIS B 227 -11.41 18.16 -1.45
C HIS B 227 -12.53 19.13 -1.88
N CYS B 228 -13.78 18.79 -1.54
CA CYS B 228 -14.89 19.63 -1.93
C CYS B 228 -15.20 20.73 -0.92
N GLY B 229 -14.37 20.86 0.09
CA GLY B 229 -14.48 22.02 0.97
C GLY B 229 -15.47 21.93 2.11
N LEU B 230 -15.85 20.71 2.49
CA LEU B 230 -16.69 20.53 3.67
C LEU B 230 -15.89 20.55 4.98
N LYS B 231 -16.50 21.12 6.01
CA LYS B 231 -15.98 20.93 7.38
C LYS B 231 -16.14 19.45 7.83
N VAL B 232 -15.23 18.98 8.65
CA VAL B 232 -15.21 17.56 9.06
C VAL B 232 -15.00 17.41 10.54
N VAL B 233 -15.81 16.56 11.17
CA VAL B 233 -15.48 15.96 12.46
C VAL B 233 -15.68 14.42 12.39
N VAL B 234 -14.87 13.70 13.16
CA VAL B 234 -14.83 12.23 13.11
C VAL B 234 -14.95 11.70 14.53
N PHE B 235 -15.83 10.74 14.75
CA PHE B 235 -15.91 10.05 16.01
C PHE B 235 -15.65 8.59 15.77
N SER B 236 -14.88 7.98 16.67
CA SER B 236 -14.71 6.53 16.70
C SER B 236 -15.38 5.88 17.86
N CYS B 237 -16.09 4.79 17.57
CA CYS B 237 -16.63 3.91 18.60
C CYS B 237 -15.65 2.72 18.80
N VAL B 238 -15.06 2.64 19.98
CA VAL B 238 -14.15 1.51 20.25
C VAL B 238 -15.04 0.27 20.35
N THR B 239 -14.78 -0.69 19.49
CA THR B 239 -15.47 -1.97 19.51
C THR B 239 -14.64 -3.05 20.24
N ASN B 240 -13.33 -2.84 20.38
CA ASN B 240 -12.41 -3.82 20.93
C ASN B 240 -11.03 -3.20 21.11
N MET B 241 -10.20 -3.77 21.96
CA MET B 241 -8.77 -3.49 22.01
C MET B 241 -8.16 -4.17 20.79
N ALA B 242 -7.24 -3.49 20.13
CA ALA B 242 -6.56 -4.04 19.00
C ALA B 242 -5.67 -5.25 19.33
N ALA B 243 -5.30 -6.01 18.30
CA ALA B 243 -4.52 -7.26 18.50
C ALA B 243 -3.28 -7.10 19.41
N GLY B 244 -3.18 -7.96 20.40
CA GLY B 244 -2.06 -7.99 21.29
C GLY B 244 -2.14 -6.97 22.42
N ILE B 245 -3.21 -6.16 22.45
CA ILE B 245 -3.42 -5.19 23.52
C ILE B 245 -4.35 -5.81 24.56
N SER B 251 -16.38 -12.19 26.26
CA SER B 251 -17.69 -12.34 26.84
C SER B 251 -18.81 -11.79 25.94
N HIS B 252 -19.80 -12.63 25.60
CA HIS B 252 -20.94 -12.12 24.88
C HIS B 252 -21.62 -11.04 25.71
N GLU B 253 -21.69 -11.27 27.01
CA GLU B 253 -22.26 -10.30 27.91
C GLU B 253 -21.55 -8.97 27.78
N GLU B 254 -20.23 -8.99 27.72
CA GLU B 254 -19.50 -7.73 27.62
C GLU B 254 -19.68 -7.07 26.24
N VAL B 255 -19.86 -7.88 25.21
CA VAL B 255 -20.26 -7.34 23.91
C VAL B 255 -21.62 -6.63 24.03
N VAL B 256 -22.59 -7.28 24.66
CA VAL B 256 -23.85 -6.58 24.82
C VAL B 256 -23.65 -5.35 25.71
N ARG B 257 -22.85 -5.43 26.76
CA ARG B 257 -22.67 -4.24 27.59
C ARG B 257 -22.07 -3.06 26.79
N THR B 258 -21.04 -3.32 26.00
CA THR B 258 -20.35 -2.19 25.40
C THR B 258 -21.12 -1.66 24.19
N THR B 259 -21.87 -2.56 23.54
CA THR B 259 -22.69 -2.20 22.39
C THR B 259 -23.78 -1.21 22.77
N LYS B 260 -24.47 -1.47 23.88
CA LYS B 260 -25.46 -0.52 24.40
C LYS B 260 -24.81 0.79 24.86
N MET B 261 -23.66 0.67 25.49
CA MET B 261 -22.98 1.85 25.99
C MET B 261 -22.65 2.78 24.80
N ALA B 262 -22.01 2.20 23.81
CA ALA B 262 -21.68 2.90 22.56
C ALA B 262 -22.87 3.56 21.86
N GLN B 263 -23.95 2.84 21.72
CA GLN B 263 -25.13 3.38 21.05
C GLN B 263 -25.62 4.70 21.64
N GLY B 264 -25.77 4.70 22.95
CA GLY B 264 -26.27 5.86 23.64
C GLY B 264 -25.23 6.97 23.71
N LYS B 265 -23.98 6.58 23.81
CA LYS B 265 -22.88 7.54 23.79
C LYS B 265 -22.74 8.16 22.43
N ILE B 266 -22.88 7.36 21.38
CA ILE B 266 -22.79 7.90 20.01
C ILE B 266 -24.01 8.78 19.69
N GLU B 267 -25.19 8.45 20.22
CA GLU B 267 -26.32 9.27 19.97
C GLU B 267 -26.06 10.67 20.50
N LYS B 268 -25.54 10.76 21.71
CA LYS B 268 -25.27 12.05 22.31
C LYS B 268 -24.15 12.78 21.58
N ALA B 269 -23.12 12.07 21.14
CA ALA B 269 -22.03 12.71 20.39
C ALA B 269 -22.56 13.34 19.14
N LEU B 270 -23.34 12.56 18.40
CA LEU B 270 -23.93 12.99 17.12
C LEU B 270 -24.86 14.16 17.31
N THR B 271 -25.72 14.08 18.32
CA THR B 271 -26.69 15.13 18.55
C THR B 271 -26.00 16.45 18.93
N THR B 272 -24.96 16.37 19.75
CA THR B 272 -24.13 17.51 20.10
C THR B 272 -23.51 18.14 18.87
N ALA B 273 -22.90 17.30 18.02
CA ALA B 273 -22.24 17.76 16.83
C ALA B 273 -23.18 18.56 15.89
N VAL B 274 -24.39 18.03 15.71
CA VAL B 274 -25.43 18.69 14.93
C VAL B 274 -25.82 20.01 15.58
N GLU B 275 -26.06 19.95 16.88
CA GLU B 275 -26.53 21.15 17.62
C GLU B 275 -25.54 22.30 17.66
N VAL B 276 -24.24 22.01 17.79
CA VAL B 276 -23.24 23.09 17.89
C VAL B 276 -22.67 23.56 16.54
N PHE B 277 -23.06 22.91 15.45
CA PHE B 277 -22.51 23.24 14.14
C PHE B 277 -22.81 24.67 13.74
N MET C 13 6.45 -4.63 -25.14
CA MET C 13 7.24 -3.59 -24.39
C MET C 13 8.49 -3.22 -25.15
N MET C 14 9.32 -4.19 -25.44
CA MET C 14 10.52 -3.95 -26.24
C MET C 14 10.09 -3.43 -27.62
N LYS C 15 8.95 -3.91 -28.12
CA LYS C 15 8.41 -3.43 -29.42
C LYS C 15 7.95 -1.97 -29.36
N LYS C 16 7.30 -1.60 -28.27
CA LYS C 16 6.90 -0.22 -28.07
C LYS C 16 8.14 0.68 -27.95
N ILE C 17 9.16 0.20 -27.22
CA ILE C 17 10.40 0.98 -27.10
C ILE C 17 11.04 1.27 -28.48
N GLU C 18 11.19 0.21 -29.30
CA GLU C 18 11.79 0.29 -30.61
C GLU C 18 11.01 1.25 -31.49
N GLU C 19 9.69 1.18 -31.44
CA GLU C 19 8.79 2.10 -32.20
C GLU C 19 8.96 3.58 -31.84
N ALA C 20 9.03 3.85 -30.54
CA ALA C 20 9.30 5.19 -30.04
C ALA C 20 10.72 5.61 -30.45
N ARG C 21 11.68 4.71 -30.34
CA ARG C 21 13.07 5.02 -30.66
C ARG C 21 13.24 5.40 -32.12
N THR C 22 12.55 4.67 -33.01
CA THR C 22 12.66 4.97 -34.46
C THR C 22 12.13 6.38 -34.70
N PHE C 23 11.04 6.70 -34.00
CA PHE C 23 10.40 7.98 -34.18
C PHE C 23 11.37 9.07 -33.82
N ILE C 24 11.95 8.94 -32.65
CA ILE C 24 12.94 9.92 -32.19
C ILE C 24 14.13 10.05 -33.13
N SER C 25 14.66 8.92 -33.57
CA SER C 25 15.85 8.84 -34.44
C SER C 25 15.70 9.54 -35.77
N GLU C 26 14.46 9.62 -36.21
CA GLU C 26 14.14 10.32 -37.45
C GLU C 26 14.05 11.83 -37.24
N ARG C 27 14.20 12.27 -35.98
CA ARG C 27 14.15 13.70 -35.64
C ARG C 27 15.45 14.24 -34.98
N THR C 28 16.28 13.36 -34.45
CA THR C 28 17.52 13.81 -33.83
C THR C 28 18.49 12.66 -33.81
N ASN C 29 19.71 12.92 -34.30
CA ASN C 29 20.76 11.90 -34.34
C ASN C 29 21.62 12.00 -33.10
N LEU C 30 21.22 12.85 -32.17
CA LEU C 30 21.97 13.04 -30.95
C LEU C 30 22.14 11.68 -30.30
N SER C 31 23.28 11.46 -29.69
CA SER C 31 23.45 10.29 -28.85
C SER C 31 23.57 10.76 -27.38
N PRO C 32 22.43 11.08 -26.76
CA PRO C 32 22.51 11.72 -25.46
C PRO C 32 23.02 10.76 -24.36
N ASP C 33 23.83 11.30 -23.45
CA ASP C 33 24.43 10.51 -22.38
C ASP C 33 23.63 10.53 -21.10
N ILE C 34 22.76 11.54 -21.00
CA ILE C 34 21.99 11.85 -19.80
C ILE C 34 20.53 12.22 -20.14
N LEU C 35 19.62 11.62 -19.38
CA LEU C 35 18.22 11.95 -19.35
C LEU C 35 17.98 12.85 -18.18
N ILE C 36 17.32 13.96 -18.42
CA ILE C 36 16.96 14.88 -17.33
C ILE C 36 15.44 15.00 -17.25
N ILE C 37 14.90 14.69 -16.06
CA ILE C 37 13.46 14.67 -15.80
C ILE C 37 13.06 15.88 -14.93
N LEU C 38 12.33 16.77 -15.57
CA LEU C 38 11.85 18.02 -15.04
C LEU C 38 10.34 18.08 -15.02
N GLY C 39 9.82 18.73 -14.00
CA GLY C 39 8.41 19.06 -13.97
C GLY C 39 8.01 20.10 -15.02
N PHE C 45 16.94 26.90 -17.64
CA PHE C 45 17.71 25.71 -17.96
C PHE C 45 17.38 25.18 -19.35
N ILE C 46 16.09 24.99 -19.64
CA ILE C 46 15.65 24.57 -20.97
C ILE C 46 16.03 25.61 -22.01
N GLU C 47 15.88 26.89 -21.64
CA GLU C 47 16.26 28.01 -22.50
C GLU C 47 17.75 28.02 -22.85
N LYS C 48 18.59 27.51 -21.94
CA LYS C 48 20.05 27.36 -22.17
C LYS C 48 20.46 26.25 -23.18
N VAL C 49 19.62 25.24 -23.40
CA VAL C 49 19.99 24.12 -24.29
C VAL C 49 20.45 24.61 -25.68
N GLU C 50 21.50 23.98 -26.21
CA GLU C 50 22.14 24.35 -27.45
C GLU C 50 21.59 23.49 -28.58
N ASP C 51 21.25 24.11 -29.72
CA ASP C 51 20.72 23.38 -30.88
C ASP C 51 19.53 22.48 -30.48
N PRO C 52 18.53 23.05 -29.83
CA PRO C 52 17.48 22.25 -29.21
C PRO C 52 16.60 21.62 -30.28
N VAL C 53 16.30 20.34 -30.14
CA VAL C 53 15.30 19.70 -30.95
C VAL C 53 14.16 19.26 -30.02
N ILE C 54 12.95 19.70 -30.32
CA ILE C 54 11.81 19.46 -29.43
C ILE C 54 10.86 18.43 -30.05
N ILE C 55 10.41 17.50 -29.24
CA ILE C 55 9.45 16.47 -29.69
C ILE C 55 8.31 16.36 -28.70
N ASP C 56 7.10 16.72 -29.13
CA ASP C 56 5.92 16.69 -28.23
C ASP C 56 5.58 15.29 -27.82
N TYR C 57 5.30 15.08 -26.53
CA TYR C 57 4.86 13.79 -26.04
C TYR C 57 3.63 13.31 -26.78
N LYS C 58 2.79 14.23 -27.27
CA LYS C 58 1.57 13.84 -28.00
C LYS C 58 1.87 13.16 -29.33
N ASP C 59 3.07 13.29 -29.85
CA ASP C 59 3.43 12.72 -31.13
C ASP C 59 4.23 11.42 -31.02
N ILE C 60 4.74 11.14 -29.83
CA ILE C 60 5.68 10.04 -29.63
C ILE C 60 4.94 8.73 -29.37
N PRO C 61 5.20 7.70 -30.19
CA PRO C 61 4.49 6.41 -30.01
C PRO C 61 4.58 5.89 -28.56
N HIS C 62 3.43 5.53 -28.02
CA HIS C 62 3.31 4.85 -26.71
C HIS C 62 3.61 5.69 -25.50
N PHE C 63 3.77 6.99 -25.69
CA PHE C 63 3.87 7.88 -24.57
C PHE C 63 2.53 8.05 -23.89
N PRO C 64 2.55 8.41 -22.60
CA PRO C 64 1.35 8.56 -21.79
C PRO C 64 0.41 9.63 -22.31
N GLY C 73 3.41 17.96 -22.57
CA GLY C 73 4.86 17.84 -22.34
C GLY C 73 5.66 17.66 -23.60
N LYS C 74 6.99 17.69 -23.50
CA LYS C 74 7.86 17.68 -24.66
C LYS C 74 9.26 17.16 -24.25
N LEU C 75 9.88 16.36 -25.12
CA LEU C 75 11.31 16.08 -25.04
C LEU C 75 12.08 17.19 -25.68
N VAL C 76 13.16 17.62 -25.03
CA VAL C 76 14.12 18.50 -25.66
C VAL C 76 15.47 17.79 -25.69
N PHE C 77 16.00 17.65 -26.89
CA PHE C 77 17.34 17.16 -27.14
C PHE C 77 18.24 18.36 -27.53
N GLY C 78 19.52 18.27 -27.21
CA GLY C 78 20.52 19.30 -27.41
C GLY C 78 21.70 19.13 -26.46
N ARG C 79 22.44 20.19 -26.25
CA ARG C 79 23.63 20.11 -25.43
C ARG C 79 23.60 21.17 -24.36
N ILE C 80 24.12 20.79 -23.21
CA ILE C 80 24.25 21.59 -22.02
C ILE C 80 25.75 21.41 -21.75
N SER C 81 26.45 22.53 -21.64
CA SER C 81 27.89 22.55 -21.48
C SER C 81 28.55 21.55 -22.41
N ASP C 82 28.18 21.63 -23.68
CA ASP C 82 28.74 20.83 -24.75
C ASP C 82 28.42 19.33 -24.69
N LYS C 83 27.68 18.91 -23.67
CA LYS C 83 27.39 17.49 -23.50
C LYS C 83 25.97 17.25 -24.03
N PRO C 84 25.77 16.18 -24.82
CA PRO C 84 24.44 15.93 -25.34
C PRO C 84 23.51 15.31 -24.30
N VAL C 85 22.31 15.86 -24.23
CA VAL C 85 21.30 15.51 -23.25
C VAL C 85 19.92 15.35 -23.86
N MET C 86 19.10 14.59 -23.16
CA MET C 86 17.69 14.42 -23.43
C MET C 86 16.92 14.85 -22.19
N ILE C 87 16.08 15.86 -22.38
CA ILE C 87 15.31 16.48 -21.32
C ILE C 87 13.82 16.14 -21.44
N MET C 88 13.19 15.73 -20.32
CA MET C 88 11.76 15.61 -20.19
C MET C 88 11.26 16.89 -19.58
N ALA C 89 10.73 17.75 -20.44
CA ALA C 89 10.05 19.00 -20.03
C ALA C 89 8.61 18.66 -19.71
N GLY C 90 8.38 18.22 -18.46
CA GLY C 90 7.09 17.58 -18.11
C GLY C 90 7.31 16.13 -17.81
N ARG C 91 6.69 15.66 -16.73
CA ARG C 91 6.84 14.26 -16.29
C ARG C 91 5.49 13.69 -15.88
N PHE C 92 5.47 12.45 -15.45
CA PHE C 92 4.22 11.79 -15.12
C PHE C 92 4.21 11.32 -13.64
N HIS C 93 3.01 11.33 -13.08
CA HIS C 93 2.74 11.04 -11.71
C HIS C 93 1.65 10.01 -11.61
N LEU C 94 1.76 9.15 -10.62
CA LEU C 94 0.73 8.18 -10.39
C LEU C 94 -0.56 8.83 -9.95
N TYR C 95 -0.52 10.02 -9.33
CA TYR C 95 -1.79 10.63 -8.87
C TYR C 95 -2.68 11.04 -10.06
N GLU C 96 -2.07 11.15 -11.25
CA GLU C 96 -2.81 11.45 -12.47
C GLU C 96 -3.66 10.27 -12.97
N GLY C 97 -3.39 9.07 -12.48
CA GLY C 97 -4.09 7.89 -12.94
C GLY C 97 -3.25 6.96 -13.79
N HIS C 98 -2.00 7.32 -14.08
CA HIS C 98 -1.13 6.47 -14.87
C HIS C 98 -0.78 5.16 -14.19
N ASP C 99 -0.79 4.09 -14.96
CA ASP C 99 -0.15 2.85 -14.57
C ASP C 99 1.33 3.11 -14.31
N PRO C 100 1.91 2.54 -13.24
CA PRO C 100 3.36 2.65 -12.98
C PRO C 100 4.27 2.34 -14.18
N ALA C 101 3.91 1.31 -14.95
CA ALA C 101 4.71 0.97 -16.13
C ALA C 101 4.70 2.10 -17.14
N THR C 102 3.60 2.83 -17.22
CA THR C 102 3.48 3.93 -18.15
C THR C 102 4.37 5.07 -17.71
N VAL C 103 4.40 5.37 -16.41
CA VAL C 103 5.29 6.40 -15.82
C VAL C 103 6.75 6.09 -16.11
N ALA C 104 7.10 4.81 -16.08
CA ALA C 104 8.48 4.34 -16.31
C ALA C 104 8.94 4.27 -17.76
N PHE C 105 8.01 4.13 -18.71
CA PHE C 105 8.34 3.88 -20.14
C PHE C 105 9.35 4.87 -20.77
N PRO C 106 9.16 6.18 -20.52
CA PRO C 106 10.11 7.14 -21.07
C PRO C 106 11.53 6.90 -20.67
N VAL C 107 11.74 6.30 -19.49
CA VAL C 107 13.08 5.99 -19.00
C VAL C 107 13.70 4.84 -19.78
N TYR C 108 12.91 3.79 -19.99
CA TYR C 108 13.39 2.71 -20.85
C TYR C 108 13.71 3.24 -22.24
N LEU C 109 12.85 4.11 -22.75
CA LEU C 109 13.07 4.72 -24.08
C LEU C 109 14.41 5.46 -24.13
N ALA C 110 14.66 6.32 -23.14
CA ALA C 110 15.98 6.97 -22.94
C ALA C 110 17.13 5.95 -22.98
N LYS C 111 17.01 4.86 -22.23
CA LYS C 111 18.10 3.86 -22.22
C LYS C 111 18.47 3.49 -23.65
N TYR C 112 17.46 3.15 -24.44
CA TYR C 112 17.67 2.62 -25.80
C TYR C 112 18.02 3.69 -26.87
N VAL C 113 17.78 4.94 -26.53
CA VAL C 113 18.24 6.05 -27.29
C VAL C 113 19.70 6.28 -26.95
N GLY C 114 20.15 5.66 -25.83
CA GLY C 114 21.56 5.60 -25.49
C GLY C 114 22.02 6.30 -24.21
N VAL C 115 21.11 6.80 -23.36
CA VAL C 115 21.61 7.48 -22.19
C VAL C 115 22.24 6.51 -21.19
N LYS C 116 23.13 7.06 -20.37
CA LYS C 116 23.84 6.28 -19.40
C LYS C 116 23.49 6.69 -17.99
N GLY C 117 22.94 7.89 -17.84
CA GLY C 117 22.62 8.40 -16.52
C GLY C 117 21.30 9.14 -16.57
N VAL C 118 20.69 9.29 -15.43
CA VAL C 118 19.48 10.04 -15.28
C VAL C 118 19.59 10.94 -14.08
N VAL C 119 19.27 12.19 -14.31
CA VAL C 119 19.07 13.18 -13.27
C VAL C 119 17.55 13.39 -13.12
N VAL C 120 17.00 12.95 -12.00
CA VAL C 120 15.60 13.12 -11.68
C VAL C 120 15.51 14.33 -10.76
N THR C 121 14.67 15.28 -11.08
CA THR C 121 14.37 16.38 -10.17
C THR C 121 13.01 16.10 -9.54
N ASN C 122 12.69 16.79 -8.46
CA ASN C 122 11.34 16.80 -7.98
C ASN C 122 11.09 18.07 -7.15
N ALA C 123 9.82 18.36 -6.95
CA ALA C 123 9.36 19.22 -5.88
C ALA C 123 9.07 18.43 -4.57
N ALA C 124 9.55 18.92 -3.44
CA ALA C 124 9.32 18.21 -2.21
C ALA C 124 8.99 19.09 -1.01
N GLY C 125 8.26 18.49 -0.06
CA GLY C 125 8.00 19.10 1.21
C GLY C 125 9.08 18.69 2.16
N ALA C 126 9.65 19.68 2.83
CA ALA C 126 10.72 19.46 3.80
C ALA C 126 10.19 19.00 5.16
N ILE C 127 10.56 17.77 5.50
CA ILE C 127 10.25 17.21 6.80
C ILE C 127 11.38 17.61 7.78
N ASN C 128 12.63 17.62 7.31
CA ASN C 128 13.77 18.09 8.08
C ASN C 128 13.70 19.63 8.28
N PRO C 129 13.54 20.10 9.54
CA PRO C 129 13.31 21.52 9.76
C PRO C 129 14.53 22.40 9.50
N GLU C 130 15.68 21.78 9.24
CA GLU C 130 16.85 22.53 8.78
C GLU C 130 16.76 22.93 7.33
N PHE C 131 15.90 22.29 6.55
CA PHE C 131 15.75 22.63 5.14
C PHE C 131 14.81 23.84 5.02
N LYS C 132 15.12 24.72 4.10
CA LYS C 132 14.27 25.86 3.85
C LYS C 132 13.70 25.85 2.40
N PRO C 133 12.44 26.32 2.25
CA PRO C 133 11.86 26.42 0.93
C PRO C 133 12.77 27.19 -0.03
N GLY C 134 12.93 26.70 -1.24
CA GLY C 134 13.86 27.28 -2.19
C GLY C 134 15.22 26.60 -2.28
N GLU C 135 15.54 25.78 -1.28
CA GLU C 135 16.76 24.97 -1.31
C GLU C 135 16.70 23.73 -2.20
N ILE C 136 17.88 23.42 -2.71
CA ILE C 136 18.13 22.20 -3.47
C ILE C 136 18.86 21.21 -2.56
N ILE C 137 18.30 20.02 -2.47
CA ILE C 137 18.84 18.99 -1.63
C ILE C 137 19.27 17.90 -2.55
N LEU C 138 20.45 17.32 -2.30
CA LEU C 138 20.90 16.12 -2.97
C LEU C 138 20.20 14.97 -2.22
N VAL C 139 19.35 14.25 -2.90
CA VAL C 139 18.74 13.09 -2.35
C VAL C 139 19.72 11.90 -2.33
N ARG C 140 19.97 11.35 -1.14
CA ARG C 140 20.91 10.27 -0.94
C ARG C 140 20.26 8.89 -0.98
N ASP C 141 18.98 8.82 -0.62
CA ASP C 141 18.26 7.54 -0.73
C ASP C 141 16.77 7.79 -0.84
N ILE C 142 16.03 6.74 -1.20
CA ILE C 142 14.56 6.85 -1.36
C ILE C 142 13.83 5.80 -0.52
N ILE C 143 12.64 6.16 -0.05
CA ILE C 143 11.71 5.22 0.55
C ILE C 143 10.44 5.19 -0.35
N ASN C 144 10.05 4.01 -0.78
CA ASN C 144 8.80 3.90 -1.57
C ASN C 144 7.57 3.67 -0.68
N PHE C 145 6.85 4.73 -0.37
CA PHE C 145 5.58 4.66 0.29
C PHE C 145 4.43 4.89 -0.69
N MET C 146 4.64 4.53 -1.95
CA MET C 146 3.54 4.49 -2.91
C MET C 146 2.93 3.10 -3.04
N PHE C 147 3.75 2.07 -2.78
CA PHE C 147 3.32 0.66 -2.76
C PHE C 147 2.80 0.19 -4.09
N ARG C 148 3.42 0.81 -5.10
CA ARG C 148 3.26 0.48 -6.49
C ARG C 148 4.68 0.33 -7.03
N ASN C 149 4.85 -0.47 -8.07
CA ASN C 149 6.17 -0.76 -8.66
C ASN C 149 5.97 -0.98 -10.15
N PRO C 150 6.73 -0.27 -10.97
CA PRO C 150 6.52 -0.38 -12.43
C PRO C 150 6.94 -1.74 -13.01
N LEU C 151 7.63 -2.55 -12.20
CA LEU C 151 8.11 -3.87 -12.59
C LEU C 151 7.13 -4.99 -12.30
N ARG C 152 6.01 -4.70 -11.65
CA ARG C 152 5.07 -5.78 -11.33
C ARG C 152 4.61 -6.38 -12.64
N GLY C 153 4.56 -7.70 -12.73
CA GLY C 153 4.12 -8.38 -13.93
C GLY C 153 5.35 -9.09 -14.46
N PRO C 154 5.20 -9.77 -15.59
CA PRO C 154 6.30 -10.52 -16.19
C PRO C 154 7.48 -9.63 -16.56
N ASN C 155 8.68 -10.17 -16.46
CA ASN C 155 9.93 -9.41 -16.66
C ASN C 155 10.65 -9.85 -17.94
N ASP C 156 11.14 -8.88 -18.74
CA ASP C 156 12.01 -9.17 -19.90
C ASP C 156 13.44 -8.98 -19.46
N GLU C 157 14.13 -10.09 -19.32
CA GLU C 157 15.51 -10.10 -18.86
C GLU C 157 16.47 -9.38 -19.78
N LYS C 158 16.04 -9.06 -21.01
CA LYS C 158 16.85 -8.28 -21.97
C LYS C 158 16.82 -6.82 -21.60
N ILE C 159 15.73 -6.41 -20.92
CA ILE C 159 15.60 -5.06 -20.40
C ILE C 159 16.32 -4.92 -19.04
N GLY C 160 16.09 -5.84 -18.11
CA GLY C 160 16.85 -5.85 -16.83
C GLY C 160 16.44 -7.02 -16.01
N PRO C 161 17.06 -7.23 -14.84
CA PRO C 161 16.81 -8.41 -14.02
C PRO C 161 15.42 -8.49 -13.36
N ARG C 162 15.05 -9.69 -12.92
CA ARG C 162 13.76 -9.91 -12.23
C ARG C 162 13.68 -9.11 -10.90
N PHE C 163 14.81 -9.10 -10.18
CA PHE C 163 14.96 -8.55 -8.81
C PHE C 163 16.16 -7.56 -8.77
N PRO C 164 15.96 -6.32 -9.28
CA PRO C 164 16.98 -5.32 -9.21
C PRO C 164 17.49 -4.98 -7.78
N ASP C 165 18.80 -4.84 -7.69
CA ASP C 165 19.49 -4.37 -6.48
C ASP C 165 19.26 -2.88 -6.29
N MET C 166 18.84 -2.51 -5.09
CA MET C 166 18.54 -1.13 -4.79
C MET C 166 19.40 -0.68 -3.61
N SER C 167 20.50 -1.41 -3.40
CA SER C 167 21.45 -1.18 -2.29
C SER C 167 22.18 0.13 -2.37
N SER C 168 22.40 0.61 -3.59
CA SER C 168 23.05 1.93 -3.88
C SER C 168 22.39 2.62 -5.05
N VAL C 169 21.19 3.14 -4.81
CA VAL C 169 20.42 3.73 -5.91
C VAL C 169 21.16 4.91 -6.53
N VAL C 170 21.71 5.77 -5.66
CA VAL C 170 22.39 7.01 -6.11
C VAL C 170 23.87 6.66 -6.37
N ASP C 171 24.32 6.98 -7.59
CA ASP C 171 25.67 6.71 -8.01
C ASP C 171 26.67 7.45 -7.12
N PRO C 172 27.48 6.70 -6.36
CA PRO C 172 28.40 7.32 -5.42
C PRO C 172 29.36 8.32 -6.07
N GLU C 173 29.93 7.99 -7.22
CA GLU C 173 30.90 8.88 -7.89
C GLU C 173 30.27 10.13 -8.44
N TRP C 174 29.12 9.98 -9.11
CA TRP C 174 28.41 11.13 -9.67
C TRP C 174 28.04 12.10 -8.55
N ALA C 175 27.43 11.58 -7.49
CA ALA C 175 27.10 12.37 -6.26
C ALA C 175 28.30 13.04 -5.60
N ARG C 176 29.42 12.34 -5.53
CA ARG C 176 30.67 12.91 -4.97
C ARG C 176 31.17 14.07 -5.78
N LYS C 177 31.19 13.93 -7.12
CA LYS C 177 31.69 14.98 -7.97
C LYS C 177 30.74 16.19 -7.91
N ILE C 178 29.44 15.91 -7.88
CA ILE C 178 28.46 16.96 -7.66
C ILE C 178 28.71 17.68 -6.35
N GLN C 179 28.89 16.92 -5.27
CA GLN C 179 29.02 17.53 -3.95
C GLN C 179 30.31 18.28 -3.74
N GLU C 180 31.37 17.86 -4.42
CA GLU C 180 32.60 18.53 -4.35
C GLU C 180 32.48 19.94 -4.88
N ARG C 181 31.62 20.16 -5.89
CA ARG C 181 31.37 21.49 -6.42
C ARG C 181 30.35 22.25 -5.58
N LEU C 182 29.23 21.62 -5.27
CA LEU C 182 28.06 22.32 -4.73
C LEU C 182 27.84 22.24 -3.23
N SER C 183 28.30 21.18 -2.59
CA SER C 183 28.14 21.07 -1.15
C SER C 183 26.69 21.27 -0.73
N LEU C 184 25.77 20.56 -1.36
CA LEU C 184 24.36 20.62 -0.96
C LEU C 184 24.04 19.82 0.29
N LYS C 185 22.97 20.22 0.96
CA LYS C 185 22.41 19.39 2.01
C LYS C 185 21.97 18.08 1.40
N GLU C 186 22.01 17.01 2.20
CA GLU C 186 21.51 15.71 1.73
C GLU C 186 20.36 15.23 2.54
N GLY C 187 19.52 14.41 1.95
CA GLY C 187 18.33 13.95 2.61
C GLY C 187 17.73 12.71 2.00
N VAL C 188 16.89 12.02 2.77
CA VAL C 188 16.09 10.87 2.34
C VAL C 188 14.69 11.29 1.88
N TYR C 189 14.37 10.87 0.65
CA TYR C 189 13.15 11.23 0.02
C TYR C 189 12.17 10.06 0.10
N ILE C 190 10.98 10.36 0.60
CA ILE C 190 9.90 9.39 0.65
C ILE C 190 8.87 9.79 -0.44
N GLY C 191 8.52 8.81 -1.26
CA GLY C 191 7.59 8.95 -2.35
C GLY C 191 6.23 8.53 -1.90
N VAL C 192 5.22 9.38 -2.13
CA VAL C 192 3.84 9.04 -1.74
C VAL C 192 2.92 9.26 -2.95
N LEU C 193 1.75 8.63 -2.94
CA LEU C 193 0.86 8.73 -4.05
C LEU C 193 0.28 10.16 -4.28
N GLY C 194 -0.15 10.81 -3.20
CA GLY C 194 -0.95 12.02 -3.27
C GLY C 194 -2.33 11.70 -3.85
N PRO C 195 -2.99 12.72 -4.49
CA PRO C 195 -2.54 14.09 -4.69
C PRO C 195 -2.84 15.01 -3.48
N SER C 196 -3.67 14.58 -2.52
CA SER C 196 -3.87 15.39 -1.36
C SER C 196 -2.53 15.41 -0.60
N TYR C 197 -2.26 16.51 0.09
CA TYR C 197 -1.02 16.66 0.89
C TYR C 197 -1.19 15.90 2.17
N GLU C 198 -0.13 15.85 2.98
CA GLU C 198 -0.12 14.97 4.17
C GLU C 198 -0.71 15.68 5.37
N THR C 199 -1.19 14.89 6.32
CA THR C 199 -1.60 15.40 7.59
C THR C 199 -0.36 15.50 8.50
N PRO C 200 -0.41 16.35 9.53
CA PRO C 200 0.65 16.44 10.49
C PRO C 200 0.97 15.07 11.12
N ALA C 201 -0.07 14.26 11.41
CA ALA C 201 0.13 12.89 11.89
C ALA C 201 0.95 12.00 10.92
N GLU C 202 0.65 12.08 9.64
CA GLU C 202 1.39 11.37 8.59
C GLU C 202 2.82 11.87 8.47
N ILE C 203 3.02 13.18 8.54
CA ILE C 203 4.37 13.77 8.52
C ILE C 203 5.18 13.33 9.76
N ARG C 204 4.52 13.19 10.92
CA ARG C 204 5.25 12.73 12.12
C ARG C 204 5.65 11.24 11.94
N VAL C 205 4.81 10.47 11.27
CA VAL C 205 5.18 9.10 10.88
C VAL C 205 6.44 9.10 10.04
N PHE C 206 6.43 9.92 8.99
CA PHE C 206 7.52 9.96 8.02
C PHE C 206 8.82 10.48 8.66
N GLU C 207 8.71 11.39 9.61
CA GLU C 207 9.88 11.85 10.38
C GLU C 207 10.44 10.70 11.21
N LYS C 208 9.55 9.95 11.86
CA LYS C 208 9.97 8.81 12.67
C LYS C 208 10.64 7.74 11.83
N LEU C 209 10.19 7.61 10.59
CA LEU C 209 10.75 6.63 9.69
C LEU C 209 12.03 7.11 8.98
N GLY C 210 12.41 8.39 9.19
CA GLY C 210 13.71 8.87 8.77
C GLY C 210 13.72 9.63 7.44
N ALA C 211 12.53 10.00 6.96
CA ALA C 211 12.42 10.80 5.75
C ALA C 211 12.72 12.27 6.02
N ASP C 212 13.52 12.88 5.15
CA ASP C 212 13.78 14.34 5.18
C ASP C 212 12.89 15.18 4.26
N LEU C 213 12.36 14.53 3.21
CA LEU C 213 11.61 15.15 2.13
C LEU C 213 10.45 14.26 1.76
N VAL C 214 9.34 14.85 1.37
CA VAL C 214 8.20 14.11 0.84
C VAL C 214 7.70 14.70 -0.50
N GLY C 215 7.55 13.83 -1.47
CA GLY C 215 6.96 14.18 -2.75
C GLY C 215 6.19 13.07 -3.41
N MET C 216 5.61 13.36 -4.58
CA MET C 216 4.65 12.47 -5.23
C MET C 216 5.16 11.93 -6.57
N SER C 217 6.45 12.12 -6.82
CA SER C 217 7.12 11.63 -8.01
C SER C 217 8.32 10.76 -7.62
N THR C 218 9.18 10.57 -8.60
CA THR C 218 10.55 10.10 -8.45
C THR C 218 10.71 8.60 -8.37
N VAL C 219 9.97 7.97 -7.45
CA VAL C 219 10.17 6.54 -7.13
C VAL C 219 9.99 5.63 -8.35
N PRO C 220 8.87 5.78 -9.10
CA PRO C 220 8.70 4.83 -10.22
C PRO C 220 9.81 4.95 -11.30
N GLU C 221 10.12 6.18 -11.72
CA GLU C 221 11.18 6.33 -12.70
C GLU C 221 12.57 5.91 -12.17
N VAL C 222 12.85 6.12 -10.90
CA VAL C 222 14.13 5.62 -10.32
C VAL C 222 14.22 4.07 -10.34
N ILE C 223 13.12 3.42 -9.94
CA ILE C 223 13.07 1.95 -9.98
C ILE C 223 13.35 1.48 -11.44
N ALA C 224 12.74 2.14 -12.41
CA ALA C 224 12.90 1.77 -13.82
C ALA C 224 14.36 1.96 -14.23
N ALA C 225 14.96 3.09 -13.87
CA ALA C 225 16.36 3.41 -14.18
C ALA C 225 17.32 2.37 -13.66
N LYS C 226 17.17 1.99 -12.37
CA LYS C 226 17.99 0.97 -11.75
C LYS C 226 17.81 -0.36 -12.45
N HIS C 227 16.57 -0.73 -12.72
CA HIS C 227 16.28 -1.91 -13.53
C HIS C 227 17.04 -2.00 -14.86
N CYS C 228 16.98 -0.96 -15.68
CA CYS C 228 17.70 -1.01 -16.94
C CYS C 228 19.17 -0.61 -16.85
N GLY C 229 19.68 -0.39 -15.65
CA GLY C 229 21.12 -0.26 -15.46
C GLY C 229 21.64 1.14 -15.70
N LEU C 230 20.79 2.16 -15.55
CA LEU C 230 21.25 3.55 -15.63
C LEU C 230 21.77 4.09 -14.30
N LYS C 231 22.78 4.95 -14.38
CA LYS C 231 23.22 5.65 -13.19
C LYS C 231 22.18 6.70 -12.82
N VAL C 232 22.08 6.95 -11.51
CA VAL C 232 21.04 7.86 -11.00
C VAL C 232 21.60 8.88 -10.07
N VAL C 233 21.22 10.15 -10.30
CA VAL C 233 21.19 11.16 -9.20
C VAL C 233 19.84 11.87 -9.14
N VAL C 234 19.48 12.35 -7.94
CA VAL C 234 18.19 12.94 -7.66
C VAL C 234 18.37 14.25 -6.93
N PHE C 235 17.71 15.30 -7.40
CA PHE C 235 17.70 16.57 -6.63
C PHE C 235 16.29 16.93 -6.27
N SER C 236 16.10 17.41 -5.06
CA SER C 236 14.81 17.93 -4.67
C SER C 236 14.90 19.44 -4.50
N CYS C 237 13.87 20.11 -4.98
CA CYS C 237 13.63 21.51 -4.65
C CYS C 237 12.57 21.56 -3.55
N VAL C 238 12.94 22.16 -2.44
CA VAL C 238 11.98 22.32 -1.33
C VAL C 238 11.01 23.45 -1.65
N THR C 239 9.75 23.10 -1.81
CA THR C 239 8.69 23.99 -2.18
C THR C 239 8.00 24.52 -0.95
N ASN C 240 8.13 23.86 0.19
CA ASN C 240 7.42 24.15 1.43
C ASN C 240 7.89 23.27 2.57
N MET C 241 7.71 23.75 3.79
CA MET C 241 7.82 22.87 4.94
C MET C 241 6.58 21.94 4.93
N ALA C 242 6.78 20.66 5.21
CA ALA C 242 5.71 19.69 5.27
C ALA C 242 4.70 19.98 6.37
N ALA C 243 3.57 19.29 6.27
CA ALA C 243 2.41 19.53 7.16
C ALA C 243 2.79 19.43 8.63
N GLY C 244 2.37 20.43 9.39
CA GLY C 244 2.54 20.45 10.81
C GLY C 244 3.76 21.22 11.24
N ILE C 245 4.69 21.49 10.31
CA ILE C 245 5.98 22.10 10.65
C ILE C 245 5.86 23.62 10.87
N THR C 246 4.94 24.26 10.16
CA THR C 246 4.66 25.69 10.38
C THR C 246 3.16 25.91 10.45
N THR C 258 7.68 29.62 -5.81
CA THR C 258 8.79 29.07 -5.02
C THR C 258 9.66 28.07 -5.80
N THR C 259 9.06 27.20 -6.60
CA THR C 259 9.86 26.36 -7.48
C THR C 259 10.35 27.30 -8.60
N LYS C 260 9.48 28.22 -8.98
CA LYS C 260 9.86 29.30 -9.93
C LYS C 260 11.03 30.13 -9.46
N MET C 261 11.01 30.60 -8.21
CA MET C 261 12.10 31.52 -7.80
C MET C 261 13.41 30.76 -7.56
N ALA C 262 13.28 29.42 -7.45
CA ALA C 262 14.41 28.50 -7.23
C ALA C 262 15.08 28.07 -8.52
N GLN C 263 14.59 28.57 -9.64
CA GLN C 263 15.01 28.10 -10.95
C GLN C 263 16.50 28.28 -11.18
N GLY C 264 17.11 29.20 -10.44
CA GLY C 264 18.51 29.44 -10.59
C GLY C 264 19.42 28.43 -9.94
N LYS C 265 19.06 28.04 -8.71
CA LYS C 265 19.77 27.02 -7.97
C LYS C 265 19.64 25.70 -8.71
N ILE C 266 18.45 25.40 -9.19
CA ILE C 266 18.29 24.13 -9.89
C ILE C 266 19.07 24.12 -11.20
N GLU C 267 19.16 25.26 -11.86
CA GLU C 267 19.90 25.34 -13.08
C GLU C 267 21.37 25.00 -12.82
N LYS C 268 21.92 25.53 -11.74
CA LYS C 268 23.30 25.26 -11.40
C LYS C 268 23.50 23.79 -11.03
N ALA C 269 22.55 23.19 -10.27
CA ALA C 269 22.64 21.81 -9.89
C ALA C 269 22.66 20.93 -11.12
N LEU C 270 21.67 21.13 -11.96
CA LEU C 270 21.55 20.38 -13.21
C LEU C 270 22.79 20.49 -14.12
N THR C 271 23.29 21.70 -14.26
CA THR C 271 24.45 21.92 -15.11
C THR C 271 25.71 21.28 -14.58
N THR C 272 25.87 21.30 -13.24
CA THR C 272 26.97 20.66 -12.57
C THR C 272 26.93 19.14 -12.82
N ALA C 273 25.71 18.56 -12.65
CA ALA C 273 25.51 17.12 -12.80
C ALA C 273 25.90 16.60 -14.18
N VAL C 274 25.47 17.35 -15.18
CA VAL C 274 25.82 17.10 -16.58
C VAL C 274 27.33 17.22 -16.73
N GLU C 275 27.88 18.34 -16.25
CA GLU C 275 29.30 18.61 -16.50
C GLU C 275 30.24 17.56 -15.89
N VAL C 276 29.94 17.09 -14.67
CA VAL C 276 30.80 16.12 -14.00
C VAL C 276 30.55 14.63 -14.36
N PHE C 277 29.50 14.37 -15.14
CA PHE C 277 29.09 13.01 -15.42
C PHE C 277 30.20 12.26 -16.16
N9 GUN D . 13.82 -12.53 -0.80
C8 GUN D . 15.07 -13.01 -0.57
N7 GUN D . 15.90 -12.01 -0.13
C5 GUN D . 15.21 -10.86 -0.03
C6 GUN D . 15.46 -9.43 0.36
O6 GUN D . 16.57 -9.00 0.75
N1 GUN D . 14.40 -8.59 0.25
C2 GUN D . 13.19 -9.03 -0.20
N2 GUN D . 12.15 -8.19 -0.29
N3 GUN D . 12.93 -10.29 -0.57
C4 GUN D . 13.88 -11.23 -0.49
MG MG E . -27.59 1.53 -8.41
N9 GUN F . -12.97 -2.10 13.10
C8 GUN F . -13.41 -2.44 14.35
N7 GUN F . -12.41 -2.97 15.09
C5 GUN F . -11.27 -2.97 14.37
C6 GUN F . -9.82 -3.40 14.52
O6 GUN F . -9.39 -3.90 15.60
N1 GUN F . -9.00 -3.18 13.44
C2 GUN F . -9.47 -2.64 12.26
N2 GUN F . -8.69 -2.42 11.16
N3 GUN F . -10.76 -2.27 12.10
C4 GUN F . -11.66 -2.41 13.09
N9 GUN G . 5.43 18.19 -3.32
C8 GUN G . 5.76 19.45 -2.99
N7 GUN G . 5.48 19.73 -1.68
C5 GUN G . 4.99 18.62 -1.12
C6 GUN G . 4.51 18.15 0.21
O6 GUN G . 4.45 18.91 1.23
N1 GUN G . 4.05 16.90 0.28
C2 GUN G . 4.05 16.08 -0.78
N2 GUN G . 3.61 14.81 -0.67
N3 GUN G . 4.45 16.44 -2.00
C4 GUN G . 4.96 17.64 -2.18
#